data_5FKA
#
_entry.id   5FKA
#
_cell.length_a   113.290
_cell.length_b   150.143
_cell.length_c   39.156
_cell.angle_alpha   90.00
_cell.angle_beta   90.00
_cell.angle_gamma   90.00
#
_symmetry.space_group_name_H-M   'P 21 21 2'
#
loop_
_entity.id
_entity.type
_entity.pdbx_description
1 polymer 'T CELL RECEPTOR ALPHA CHAIN'
2 polymer 'T CELL RECEPTOR BETA CHAIN'
3 polymer 'STAPHYLOCOCCAL ENTEROTOXIN E'
4 non-polymer 'ZINC ION'
5 water water
#
loop_
_entity_poly.entity_id
_entity_poly.type
_entity_poly.pdbx_seq_one_letter_code
_entity_poly.pdbx_strand_id
1 'polypeptide(L)'
;MGIQVEQSPPDLILQEGANSTLRCNFSDSVNNLQWFHQNPWGQLINLFYIPSGTKQNGRLSATTVATERYSLLYISSSQT
TDSGVYFCAVDSATSGTYKYIFGTGTRLKVLANIQNPDPAVYQLRDSKSSDKSVCLFTDFDSQTNVSQSKDSDVYITDKC
VLDMRSMDFKSNSAVAWSNKSDFACANAFNNSIIPEDTFFPSPESS
;
A
2 'polypeptide(L)'
;MDTGVSQNPRHKITKRGQNVTFRCDPISEHNRLYWYRQTLGQGPEFLTYFQNEAQLEKSRLLSDRFSAERPKGSFSTLEI
QRTEQGDSAMYLCASSLGGYEQYFGPGTRLTVTEDLKNVFPPEVAVFVPSEAEISHTQKATLVCLATGFYPDHVELSWWV
NGKEVHSGVCTDPQPLKEQPALNDSRYALSSRLRVSATFWQDPRNHFRCQVQFYGLSENDEWTQDRAKPVTQIVSAEAWG
RAD
;
B
3 'polypeptide(L)'
;SEKSEEINEKDLRKKSELQRNALSNLRQIYYYNEKAITENKESDDQFLENTLLFKGFFTGHPWYNDLLVDLGSKDATNKY
KGKKVDLYGAYYGYQCAGGTPNKTACMYGGVTLHDNNRLTEEKKVPINLWIDGKQTTVPIDKVKTSKKEVTVQELDLQAR
HYLHGKFGLYNSDSFGGKVQRGLIVFHSSEGSTVSYDLFDAQGQYPDTLLRIYRDNKTINSENLHIDLYLYTT
;
C
#
loop_
_chem_comp.id
_chem_comp.type
_chem_comp.name
_chem_comp.formula
ZN non-polymer 'ZINC ION' 'Zn 2'
#
# COMPACT_ATOMS: atom_id res chain seq x y z
N GLY A 2 -17.95 -7.91 16.35
CA GLY A 2 -16.68 -7.35 16.83
C GLY A 2 -16.70 -5.84 16.97
N ILE A 3 -15.61 -5.17 16.55
CA ILE A 3 -15.47 -3.70 16.59
C ILE A 3 -16.16 -3.03 15.41
N GLN A 4 -17.09 -2.12 15.70
CA GLN A 4 -17.85 -1.39 14.70
C GLN A 4 -17.60 0.11 14.74
N VAL A 5 -17.47 0.73 13.55
CA VAL A 5 -17.25 2.16 13.35
C VAL A 5 -18.40 2.69 12.49
N GLU A 6 -19.01 3.80 12.94
CA GLU A 6 -20.11 4.46 12.22
C GLU A 6 -19.82 5.94 12.10
N GLN A 7 -19.74 6.44 10.85
CA GLN A 7 -19.48 7.83 10.52
C GLN A 7 -20.73 8.53 9.99
N SER A 8 -20.98 9.76 10.46
CA SER A 8 -22.14 10.56 10.08
C SER A 8 -21.81 12.06 9.89
N PRO A 9 -22.35 12.74 8.86
CA PRO A 9 -23.22 12.22 7.78
C PRO A 9 -22.42 11.43 6.72
N PRO A 10 -23.04 10.47 5.98
CA PRO A 10 -22.27 9.75 4.95
C PRO A 10 -21.84 10.66 3.80
N ASP A 11 -22.69 11.65 3.49
CA ASP A 11 -22.49 12.66 2.46
C ASP A 11 -22.83 14.04 3.02
N LEU A 12 -21.98 15.03 2.76
CA LEU A 12 -22.18 16.40 3.25
C LEU A 12 -21.94 17.47 2.19
N ILE A 13 -22.93 18.37 2.04
CA ILE A 13 -22.87 19.49 1.10
C ILE A 13 -22.70 20.78 1.92
N LEU A 14 -21.59 21.49 1.72
CA LEU A 14 -21.25 22.73 2.42
C LEU A 14 -21.03 23.89 1.46
N GLN A 15 -21.59 25.07 1.78
CA GLN A 15 -21.37 26.29 1.01
C GLN A 15 -19.97 26.82 1.41
N GLU A 16 -19.22 27.40 0.46
CA GLU A 16 -17.88 27.94 0.71
C GLU A 16 -17.87 28.90 1.90
N GLY A 17 -17.01 28.59 2.88
CA GLY A 17 -16.85 29.39 4.08
C GLY A 17 -17.62 28.91 5.30
N ALA A 18 -18.57 27.98 5.12
CA ALA A 18 -19.38 27.46 6.23
C ALA A 18 -18.61 26.45 7.09
N ASN A 19 -19.09 26.22 8.33
CA ASN A 19 -18.50 25.29 9.30
C ASN A 19 -19.38 24.05 9.45
N SER A 20 -18.76 22.89 9.73
CA SER A 20 -19.50 21.63 9.93
C SER A 20 -18.80 20.67 10.88
N THR A 21 -19.60 19.85 11.58
CA THR A 21 -19.14 18.85 12.53
C THR A 21 -19.36 17.45 11.96
N LEU A 22 -18.26 16.71 11.77
CA LEU A 22 -18.23 15.35 11.26
C LEU A 22 -18.16 14.42 12.46
N ARG A 23 -19.01 13.38 12.49
CA ARG A 23 -19.07 12.47 13.62
C ARG A 23 -18.53 11.09 13.33
N CYS A 24 -17.92 10.48 14.36
CA CYS A 24 -17.41 9.12 14.33
C CYS A 24 -17.80 8.42 15.62
N ASN A 25 -18.60 7.36 15.50
CA ASN A 25 -19.07 6.55 16.62
C ASN A 25 -18.41 5.19 16.52
N PHE A 26 -17.95 4.67 17.64
CA PHE A 26 -17.28 3.37 17.72
C PHE A 26 -17.81 2.55 18.89
N SER A 27 -17.82 1.21 18.76
CA SER A 27 -18.37 0.27 19.74
C SER A 27 -17.58 -0.04 21.01
N ASP A 28 -16.24 -0.06 20.94
CA ASP A 28 -15.41 -0.41 22.10
C ASP A 28 -14.39 0.66 22.48
N SER A 29 -13.66 0.46 23.60
CA SER A 29 -12.61 1.37 24.09
C SER A 29 -11.45 1.38 23.11
N VAL A 30 -10.83 2.55 22.90
CA VAL A 30 -9.77 2.68 21.90
C VAL A 30 -8.37 3.09 22.40
N ASN A 31 -7.32 2.59 21.72
CA ASN A 31 -5.91 2.91 21.99
C ASN A 31 -5.42 3.87 20.92
N ASN A 32 -5.91 3.70 19.68
CA ASN A 32 -5.59 4.53 18.54
C ASN A 32 -6.86 4.98 17.83
N LEU A 33 -7.00 6.28 17.66
CA LEU A 33 -8.06 6.89 16.87
C LEU A 33 -7.40 7.90 15.96
N GLN A 34 -7.72 7.81 14.67
CA GLN A 34 -7.16 8.72 13.67
C GLN A 34 -8.21 9.25 12.71
N TRP A 35 -8.08 10.53 12.35
CA TRP A 35 -8.90 11.22 11.36
C TRP A 35 -8.01 11.43 10.15
N PHE A 36 -8.50 11.06 8.96
CA PHE A 36 -7.78 11.19 7.69
C PHE A 36 -8.62 11.92 6.65
N HIS A 37 -7.94 12.46 5.63
CA HIS A 37 -8.55 13.09 4.46
C HIS A 37 -7.92 12.46 3.22
N GLN A 38 -8.75 11.94 2.32
CA GLN A 38 -8.26 11.29 1.10
C GLN A 38 -8.58 12.10 -0.15
N ASN A 39 -7.57 12.27 -1.03
CA ASN A 39 -7.67 13.01 -2.29
C ASN A 39 -7.93 12.11 -3.50
N GLY A 42 -5.77 9.62 -3.90
CA GLY A 42 -5.77 8.34 -3.21
C GLY A 42 -4.76 8.24 -2.08
N GLN A 43 -4.20 9.39 -1.66
CA GLN A 43 -3.22 9.49 -0.58
C GLN A 43 -3.92 9.93 0.71
N LEU A 44 -3.85 9.08 1.75
CA LEU A 44 -4.45 9.35 3.06
C LEU A 44 -3.61 10.41 3.78
N ILE A 45 -4.19 11.61 3.96
CA ILE A 45 -3.54 12.73 4.65
C ILE A 45 -3.93 12.65 6.12
N ASN A 46 -2.94 12.50 7.00
CA ASN A 46 -3.12 12.42 8.46
C ASN A 46 -3.53 13.78 9.02
N LEU A 47 -4.79 13.90 9.48
CA LEU A 47 -5.31 15.14 10.04
C LEU A 47 -5.06 15.20 11.54
N PHE A 48 -5.50 14.16 12.27
CA PHE A 48 -5.35 14.03 13.71
C PHE A 48 -5.16 12.58 14.17
N TYR A 49 -4.33 12.41 15.23
CA TYR A 49 -4.11 11.21 16.03
C TYR A 49 -4.68 11.66 17.37
N ILE A 50 -5.88 11.17 17.74
CA ILE A 50 -6.56 11.63 18.94
C ILE A 50 -7.38 10.53 19.65
N PRO A 51 -6.77 9.66 20.47
CA PRO A 51 -7.57 8.62 21.17
C PRO A 51 -8.40 9.21 22.31
N SER A 52 -7.99 10.39 22.82
CA SER A 52 -8.62 11.12 23.92
C SER A 52 -8.20 12.60 23.87
N GLY A 53 -9.05 13.47 24.40
CA GLY A 53 -8.80 14.90 24.48
C GLY A 53 -9.23 15.71 23.27
N THR A 54 -8.72 16.96 23.18
CA THR A 54 -9.01 17.93 22.12
C THR A 54 -7.70 18.46 21.47
N LYS A 55 -7.67 18.53 20.13
CA LYS A 55 -6.52 19.02 19.35
C LYS A 55 -6.95 19.98 18.23
N GLN A 56 -6.07 20.92 17.86
CA GLN A 56 -6.32 21.90 16.79
C GLN A 56 -5.19 21.89 15.76
N ASN A 57 -5.55 22.04 14.47
CA ASN A 57 -4.60 22.06 13.35
C ASN A 57 -5.09 23.06 12.27
N GLY A 58 -4.97 24.34 12.59
CA GLY A 58 -5.40 25.43 11.73
C GLY A 58 -6.91 25.58 11.73
N ARG A 59 -7.51 25.48 10.53
CA ARG A 59 -8.97 25.57 10.34
C ARG A 59 -9.67 24.30 10.83
N LEU A 60 -8.89 23.24 11.13
CA LEU A 60 -9.37 21.96 11.61
C LEU A 60 -9.18 21.77 13.10
N SER A 61 -10.16 21.13 13.76
CA SER A 61 -10.15 20.81 15.19
C SER A 61 -10.89 19.50 15.42
N ALA A 62 -10.45 18.71 16.40
CA ALA A 62 -11.06 17.43 16.75
C ALA A 62 -11.12 17.19 18.26
N THR A 63 -12.10 16.38 18.70
CA THR A 63 -12.29 16.01 20.12
C THR A 63 -12.87 14.61 20.25
N THR A 64 -12.30 13.79 21.16
CA THR A 64 -12.80 12.44 21.40
C THR A 64 -13.07 12.11 22.86
N VAL A 65 -14.30 11.70 23.14
CA VAL A 65 -14.75 11.31 24.48
C VAL A 65 -14.71 9.78 24.50
N ALA A 66 -13.57 9.23 24.98
CA ALA A 66 -13.27 7.79 25.05
C ALA A 66 -14.35 6.97 25.74
N THR A 67 -14.88 7.49 26.86
CA THR A 67 -15.94 6.84 27.65
C THR A 67 -17.28 6.79 26.91
N GLU A 68 -17.68 7.92 26.30
CA GLU A 68 -18.93 8.04 25.54
C GLU A 68 -18.81 7.41 24.13
N ARG A 69 -17.59 6.96 23.77
CA ARG A 69 -17.23 6.29 22.52
C ARG A 69 -17.56 7.04 21.22
N TYR A 70 -17.17 8.33 21.15
CA TYR A 70 -17.37 9.15 19.96
C TYR A 70 -16.24 10.16 19.72
N SER A 71 -16.05 10.55 18.45
CA SER A 71 -15.05 11.53 18.04
C SER A 71 -15.67 12.52 17.06
N LEU A 72 -15.39 13.82 17.26
CA LEU A 72 -15.92 14.88 16.41
C LEU A 72 -14.83 15.60 15.64
N LEU A 73 -15.09 15.92 14.37
CA LEU A 73 -14.15 16.66 13.53
C LEU A 73 -14.80 17.96 13.07
N TYR A 74 -14.19 19.10 13.47
CA TYR A 74 -14.66 20.43 13.13
C TYR A 74 -13.85 21.02 11.97
N ILE A 75 -14.56 21.47 10.94
CA ILE A 75 -13.96 22.13 9.77
C ILE A 75 -14.50 23.56 9.80
N SER A 76 -13.60 24.54 10.03
CA SER A 76 -13.97 25.95 10.07
C SER A 76 -13.59 26.61 8.76
N SER A 77 -14.47 27.50 8.24
CA SER A 77 -14.29 28.25 6.99
C SER A 77 -13.86 27.31 5.84
N SER A 78 -14.79 26.41 5.42
CA SER A 78 -14.56 25.42 4.38
C SER A 78 -14.11 25.99 3.04
N GLN A 79 -13.13 25.32 2.42
CA GLN A 79 -12.54 25.67 1.13
C GLN A 79 -12.88 24.58 0.11
N THR A 80 -12.75 24.89 -1.21
CA THR A 80 -13.01 23.92 -2.28
C THR A 80 -12.00 22.75 -2.23
N THR A 81 -10.81 22.99 -1.65
CA THR A 81 -9.74 21.99 -1.50
C THR A 81 -10.06 21.00 -0.36
N ASP A 82 -10.99 21.37 0.54
CA ASP A 82 -11.42 20.53 1.65
C ASP A 82 -12.32 19.39 1.17
N SER A 83 -12.78 19.46 -0.11
CA SER A 83 -13.64 18.46 -0.72
C SER A 83 -12.91 17.11 -0.82
N GLY A 84 -13.68 16.04 -0.68
CA GLY A 84 -13.19 14.68 -0.71
C GLY A 84 -13.79 13.84 0.39
N VAL A 85 -13.13 12.75 0.75
CA VAL A 85 -13.60 11.82 1.77
C VAL A 85 -12.78 11.94 3.06
N TYR A 86 -13.49 12.02 4.20
CA TYR A 86 -12.90 12.09 5.53
C TYR A 86 -13.11 10.77 6.24
N PHE A 87 -12.01 10.14 6.69
CA PHE A 87 -12.08 8.84 7.34
C PHE A 87 -11.71 8.87 8.79
N CYS A 88 -12.38 8.03 9.56
CA CYS A 88 -12.15 7.81 10.97
C CYS A 88 -11.73 6.35 11.10
N ALA A 89 -10.66 6.09 11.84
CA ALA A 89 -10.18 4.73 11.99
C ALA A 89 -9.78 4.41 13.43
N VAL A 90 -10.13 3.20 13.90
CA VAL A 90 -9.88 2.72 15.27
C VAL A 90 -9.21 1.34 15.29
N ASP A 91 -8.54 1.01 16.41
CA ASP A 91 -7.89 -0.30 16.58
C ASP A 91 -8.68 -1.19 17.55
N SER A 92 -9.29 -0.56 18.59
CA SER A 92 -10.08 -1.17 19.67
C SER A 92 -9.33 -2.13 20.59
N ALA A 93 -9.12 -1.68 21.85
CA ALA A 93 -8.46 -2.39 22.95
C ALA A 93 -9.19 -3.68 23.30
N GLY A 96 -9.14 -8.84 21.60
CA GLY A 96 -8.87 -10.24 21.28
C GLY A 96 -7.96 -10.38 20.08
N THR A 97 -8.56 -10.28 18.88
CA THR A 97 -7.86 -10.36 17.60
C THR A 97 -7.78 -8.96 16.95
N TYR A 98 -6.55 -8.49 16.65
CA TYR A 98 -6.34 -7.16 16.07
C TYR A 98 -6.81 -7.05 14.63
N LYS A 99 -7.44 -5.91 14.34
CA LYS A 99 -7.94 -5.46 13.04
C LYS A 99 -8.14 -3.95 13.17
N TYR A 100 -7.51 -3.17 12.27
CA TYR A 100 -7.64 -1.72 12.26
C TYR A 100 -8.82 -1.39 11.36
N ILE A 101 -9.92 -0.94 11.97
CA ILE A 101 -11.18 -0.67 11.27
C ILE A 101 -11.38 0.79 10.92
N PHE A 102 -11.60 1.05 9.63
CA PHE A 102 -11.89 2.34 9.06
C PHE A 102 -13.40 2.44 8.89
N GLY A 103 -13.93 3.66 8.97
CA GLY A 103 -15.35 3.90 8.74
C GLY A 103 -15.65 3.99 7.26
N THR A 104 -16.94 4.12 6.90
CA THR A 104 -17.36 4.24 5.48
C THR A 104 -16.93 5.60 4.92
N GLY A 105 -16.76 6.57 5.82
CA GLY A 105 -16.29 7.92 5.49
C GLY A 105 -17.38 8.95 5.32
N THR A 106 -16.97 10.23 5.37
CA THR A 106 -17.85 11.37 5.14
C THR A 106 -17.39 12.03 3.85
N ARG A 107 -18.15 11.85 2.76
CA ARG A 107 -17.82 12.49 1.49
C ARG A 107 -18.32 13.94 1.57
N LEU A 108 -17.37 14.87 1.50
CA LEU A 108 -17.66 16.31 1.57
C LEU A 108 -17.54 16.95 0.19
N LYS A 109 -18.58 17.70 -0.19
CA LYS A 109 -18.62 18.47 -1.43
C LYS A 109 -18.78 19.93 -1.03
N VAL A 110 -17.75 20.74 -1.28
CA VAL A 110 -17.78 22.17 -0.95
C VAL A 110 -18.20 22.95 -2.18
N LEU A 111 -19.36 23.62 -2.08
CA LEU A 111 -19.92 24.41 -3.16
C LEU A 111 -19.24 25.77 -3.19
N ALA A 112 -18.59 26.11 -4.31
CA ALA A 112 -17.88 27.38 -4.50
C ALA A 112 -18.84 28.55 -4.53
N ASN A 113 -18.43 29.67 -3.93
CA ASN A 113 -19.25 30.88 -3.92
C ASN A 113 -19.08 31.57 -5.27
N ILE A 114 -20.13 31.56 -6.09
CA ILE A 114 -20.13 32.21 -7.40
C ILE A 114 -20.76 33.58 -7.23
N GLN A 115 -19.92 34.63 -7.32
CA GLN A 115 -20.28 36.03 -7.14
C GLN A 115 -21.33 36.48 -8.15
N ASN A 116 -21.00 36.42 -9.45
CA ASN A 116 -21.92 36.80 -10.51
C ASN A 116 -22.11 35.65 -11.52
N PRO A 117 -23.10 34.74 -11.27
CA PRO A 117 -23.34 33.64 -12.21
C PRO A 117 -23.81 34.14 -13.57
N ASP A 118 -23.33 33.46 -14.63
CA ASP A 118 -23.66 33.77 -16.01
C ASP A 118 -23.81 32.42 -16.78
N PRO A 119 -24.75 31.50 -16.36
CA PRO A 119 -24.85 30.19 -17.03
C PRO A 119 -25.01 30.25 -18.55
N ALA A 120 -24.10 29.57 -19.26
CA ALA A 120 -24.07 29.56 -20.71
C ALA A 120 -23.55 28.24 -21.29
N VAL A 121 -24.02 27.89 -22.50
CA VAL A 121 -23.58 26.69 -23.21
C VAL A 121 -22.91 27.12 -24.53
N TYR A 122 -21.59 26.88 -24.64
CA TYR A 122 -20.77 27.24 -25.80
C TYR A 122 -20.28 26.01 -26.55
N GLN A 123 -20.14 26.15 -27.88
CA GLN A 123 -19.60 25.11 -28.74
C GLN A 123 -18.13 25.44 -28.99
N LEU A 124 -17.24 24.48 -28.69
CA LEU A 124 -15.79 24.65 -28.85
C LEU A 124 -15.29 23.67 -29.90
N ARG A 125 -14.58 24.17 -30.91
CA ARG A 125 -14.07 23.34 -31.99
C ARG A 125 -12.60 22.93 -31.76
N ASP A 126 -12.23 21.74 -32.30
CA ASP A 126 -10.91 21.12 -32.20
C ASP A 126 -9.81 22.00 -32.82
N SER A 127 -8.65 22.06 -32.16
CA SER A 127 -7.48 22.83 -32.59
C SER A 127 -6.90 22.36 -33.94
N LYS A 128 -7.07 21.06 -34.26
CA LYS A 128 -6.59 20.43 -35.50
C LYS A 128 -7.76 19.81 -36.25
N ASP A 131 -14.08 19.58 -37.92
CA ASP A 131 -15.39 18.94 -37.81
C ASP A 131 -15.70 18.49 -36.38
N LYS A 132 -14.66 18.29 -35.55
CA LYS A 132 -14.79 17.87 -34.15
C LYS A 132 -15.12 19.04 -33.23
N SER A 133 -16.15 18.86 -32.38
CA SER A 133 -16.61 19.89 -31.44
C SER A 133 -16.98 19.35 -30.04
N VAL A 134 -17.07 20.27 -29.07
CA VAL A 134 -17.41 19.99 -27.67
C VAL A 134 -18.40 21.06 -27.13
N CYS A 135 -19.37 20.65 -26.31
CA CYS A 135 -20.34 21.56 -25.69
C CYS A 135 -19.93 21.82 -24.25
N LEU A 136 -19.61 23.09 -23.93
CA LEU A 136 -19.18 23.54 -22.61
C LEU A 136 -20.26 24.31 -21.86
N PHE A 137 -20.75 23.74 -20.76
CA PHE A 137 -21.71 24.41 -19.87
C PHE A 137 -20.85 25.03 -18.79
N THR A 138 -20.83 26.37 -18.73
CA THR A 138 -19.98 27.10 -17.78
C THR A 138 -20.69 28.28 -17.11
N ASP A 139 -20.05 28.82 -16.04
CA ASP A 139 -20.47 29.98 -15.25
C ASP A 139 -21.79 29.84 -14.50
N PHE A 140 -22.27 28.60 -14.36
CA PHE A 140 -23.48 28.28 -13.62
C PHE A 140 -23.18 28.25 -12.13
N ASP A 141 -24.20 28.47 -11.30
CA ASP A 141 -24.03 28.46 -9.85
C ASP A 141 -23.74 27.05 -9.35
N SER A 142 -22.95 26.93 -8.27
CA SER A 142 -22.50 25.66 -7.70
C SER A 142 -23.59 24.64 -7.32
N GLN A 143 -24.81 25.10 -7.02
CA GLN A 143 -25.96 24.25 -6.66
C GLN A 143 -26.53 23.44 -7.84
N THR A 144 -26.21 23.86 -9.09
CA THR A 144 -26.66 23.22 -10.33
C THR A 144 -26.13 21.78 -10.42
N ASN A 145 -27.02 20.83 -10.70
CA ASN A 145 -26.65 19.43 -10.82
C ASN A 145 -26.62 19.04 -12.29
N VAL A 146 -25.47 18.52 -12.75
CA VAL A 146 -25.31 18.10 -14.14
C VAL A 146 -25.62 16.61 -14.20
N SER A 147 -26.68 16.27 -14.94
CA SER A 147 -27.16 14.90 -15.11
C SER A 147 -26.57 14.21 -16.34
N GLN A 148 -26.57 12.87 -16.34
CA GLN A 148 -26.10 12.04 -17.45
C GLN A 148 -27.15 12.06 -18.56
N SER A 149 -26.74 11.81 -19.81
CA SER A 149 -27.64 11.81 -20.97
C SER A 149 -28.53 10.57 -21.04
N LYS A 150 -29.68 10.72 -21.71
CA LYS A 150 -30.65 9.65 -21.98
C LYS A 150 -30.07 8.77 -23.10
N ASP A 151 -29.28 9.39 -24.00
CA ASP A 151 -28.62 8.77 -25.16
C ASP A 151 -27.33 8.03 -24.76
N SER A 152 -27.02 6.94 -25.48
CA SER A 152 -25.84 6.09 -25.26
C SER A 152 -24.57 6.60 -25.96
N ASP A 153 -24.73 7.34 -27.05
CA ASP A 153 -23.61 7.89 -27.85
C ASP A 153 -23.21 9.30 -27.38
N VAL A 154 -23.89 9.84 -26.35
CA VAL A 154 -23.63 11.16 -25.77
C VAL A 154 -22.93 11.00 -24.42
N TYR A 155 -21.75 11.63 -24.28
CA TYR A 155 -20.95 11.61 -23.06
C TYR A 155 -20.99 12.96 -22.37
N ILE A 156 -21.38 12.98 -21.08
CA ILE A 156 -21.46 14.19 -20.24
C ILE A 156 -20.58 13.98 -18.98
N THR A 157 -19.73 14.98 -18.67
CA THR A 157 -18.84 14.94 -17.52
C THR A 157 -19.51 15.56 -16.27
N ASP A 158 -18.90 15.32 -15.10
CA ASP A 158 -19.37 15.91 -13.85
C ASP A 158 -18.74 17.31 -13.75
N LYS A 159 -19.33 18.18 -12.92
CA LYS A 159 -18.86 19.55 -12.72
C LYS A 159 -17.58 19.65 -11.89
N CYS A 160 -16.74 20.65 -12.20
CA CYS A 160 -15.53 21.01 -11.45
C CYS A 160 -15.38 22.51 -11.40
N VAL A 161 -14.80 23.01 -10.32
CA VAL A 161 -14.56 24.43 -10.13
C VAL A 161 -13.09 24.78 -10.40
N LEU A 162 -12.85 25.77 -11.28
CA LEU A 162 -11.52 26.28 -11.56
C LEU A 162 -11.36 27.62 -10.84
N ASP A 163 -10.13 27.95 -10.42
CA ASP A 163 -9.87 29.21 -9.70
C ASP A 163 -8.83 30.06 -10.41
N MET A 164 -9.27 31.17 -10.99
CA MET A 164 -8.40 32.15 -11.64
C MET A 164 -7.93 33.10 -10.54
N ARG A 165 -6.90 32.67 -9.80
CA ARG A 165 -6.29 33.35 -8.65
C ARG A 165 -5.87 34.80 -8.92
N SER A 166 -5.30 35.07 -10.11
CA SER A 166 -4.86 36.40 -10.54
C SER A 166 -6.03 37.40 -10.63
N MET A 167 -7.19 36.92 -11.14
CA MET A 167 -8.41 37.70 -11.29
C MET A 167 -9.34 37.58 -10.08
N ASP A 168 -9.03 36.66 -9.12
CA ASP A 168 -9.81 36.36 -7.91
C ASP A 168 -11.24 35.90 -8.31
N PHE A 169 -11.30 35.08 -9.39
CA PHE A 169 -12.51 34.59 -10.01
C PHE A 169 -12.61 33.06 -9.97
N LYS A 170 -13.80 32.55 -9.63
CA LYS A 170 -14.11 31.11 -9.59
C LYS A 170 -15.22 30.81 -10.57
N SER A 171 -15.15 29.65 -11.25
CA SER A 171 -16.18 29.24 -12.20
C SER A 171 -16.34 27.73 -12.30
N ASN A 172 -17.60 27.28 -12.42
CA ASN A 172 -17.97 25.88 -12.57
C ASN A 172 -18.15 25.57 -14.04
N SER A 173 -17.85 24.32 -14.43
CA SER A 173 -18.01 23.84 -15.81
C SER A 173 -18.25 22.34 -15.92
N ALA A 174 -18.97 21.94 -16.98
CA ALA A 174 -19.27 20.55 -17.34
C ALA A 174 -19.17 20.46 -18.86
N VAL A 175 -18.75 19.30 -19.38
CA VAL A 175 -18.52 19.08 -20.81
C VAL A 175 -19.39 17.94 -21.36
N ALA A 176 -19.96 18.17 -22.55
CA ALA A 176 -20.77 17.20 -23.31
C ALA A 176 -20.22 17.09 -24.74
N TRP A 177 -20.20 15.86 -25.28
CA TRP A 177 -19.77 15.55 -26.64
C TRP A 177 -20.39 14.24 -27.13
N SER A 178 -20.50 14.10 -28.45
CA SER A 178 -21.05 12.92 -29.10
C SER A 178 -20.32 12.68 -30.42
N ASN A 179 -20.37 11.44 -30.92
CA ASN A 179 -19.75 11.06 -32.20
C ASN A 179 -20.69 11.44 -33.36
N LYS A 180 -21.97 11.66 -33.05
CA LYS A 180 -23.05 12.03 -33.98
C LYS A 180 -22.96 13.48 -34.47
N SER A 181 -23.55 13.75 -35.65
CA SER A 181 -23.63 15.08 -36.28
C SER A 181 -24.92 15.80 -35.86
N ASP A 182 -25.89 15.04 -35.30
CA ASP A 182 -27.20 15.52 -34.81
C ASP A 182 -27.06 16.18 -33.42
N PHE A 183 -25.81 16.30 -32.92
CA PHE A 183 -25.51 16.85 -31.61
C PHE A 183 -25.36 18.36 -31.59
N ALA A 184 -26.36 19.03 -31.00
CA ALA A 184 -26.39 20.48 -30.84
C ALA A 184 -26.25 20.80 -29.37
N CYS A 185 -25.60 21.93 -29.05
CA CYS A 185 -25.37 22.38 -27.68
C CYS A 185 -26.65 22.82 -26.94
N ALA A 186 -27.72 23.14 -27.69
CA ALA A 186 -29.02 23.52 -27.16
C ALA A 186 -29.77 22.32 -26.57
N ASN A 187 -29.52 21.12 -27.12
CA ASN A 187 -30.15 19.87 -26.68
C ASN A 187 -29.21 19.01 -25.81
N ALA A 188 -27.92 19.39 -25.75
CA ALA A 188 -26.84 18.71 -25.03
C ALA A 188 -27.13 18.39 -23.55
N PHE A 189 -27.55 19.40 -22.78
CA PHE A 189 -27.83 19.26 -21.34
C PHE A 189 -29.33 19.21 -21.03
N ASN A 190 -30.15 18.66 -21.94
CA ASN A 190 -31.62 18.53 -21.79
C ASN A 190 -32.06 17.70 -20.59
N ASN A 191 -31.26 16.67 -20.21
CA ASN A 191 -31.54 15.81 -19.04
C ASN A 191 -31.25 16.50 -17.70
N SER A 192 -30.60 17.69 -17.73
CA SER A 192 -30.27 18.51 -16.56
C SER A 192 -31.31 19.61 -16.36
N ILE A 193 -31.58 19.98 -15.10
CA ILE A 193 -32.50 21.06 -14.78
C ILE A 193 -31.63 22.30 -14.57
N ILE A 194 -31.49 23.08 -15.64
CA ILE A 194 -30.64 24.28 -15.72
C ILE A 194 -31.43 25.59 -15.58
N PRO A 195 -30.81 26.73 -15.15
CA PRO A 195 -31.57 27.98 -15.03
C PRO A 195 -32.23 28.42 -16.34
N GLU A 196 -33.45 28.99 -16.25
CA GLU A 196 -34.25 29.47 -17.38
C GLU A 196 -33.48 30.52 -18.22
N ASP A 197 -32.63 31.32 -17.54
CA ASP A 197 -31.81 32.36 -18.15
C ASP A 197 -30.43 31.87 -18.69
N THR A 198 -30.26 30.54 -18.88
CA THR A 198 -29.03 29.97 -19.44
C THR A 198 -28.85 30.50 -20.86
N PHE A 199 -27.70 31.13 -21.13
CA PHE A 199 -27.34 31.73 -22.40
C PHE A 199 -27.03 30.68 -23.45
N PHE A 200 -27.71 30.74 -24.60
CA PHE A 200 -27.50 29.78 -25.70
C PHE A 200 -27.07 30.47 -27.00
N PRO A 201 -25.77 30.91 -27.10
CA PRO A 201 -25.33 31.56 -28.35
C PRO A 201 -25.28 30.62 -29.55
N SER A 202 -25.46 31.18 -30.75
CA SER A 202 -25.43 30.45 -32.02
C SER A 202 -23.97 30.20 -32.45
N PRO A 203 -23.63 29.04 -33.07
CA PRO A 203 -22.23 28.80 -33.48
C PRO A 203 -21.72 29.74 -34.58
N GLU A 204 -20.38 29.92 -34.65
CA GLU A 204 -19.65 30.77 -35.61
C GLU A 204 -20.17 32.22 -35.66
N THR B 3 4.86 11.46 2.95
CA THR B 3 4.76 10.89 4.31
C THR B 3 6.07 10.25 4.77
N GLY B 4 6.82 9.66 3.82
CA GLY B 4 8.06 8.95 4.10
C GLY B 4 7.97 7.46 3.84
N VAL B 5 6.75 6.95 3.60
CA VAL B 5 6.47 5.54 3.29
C VAL B 5 6.45 5.43 1.76
N SER B 6 7.26 4.52 1.22
CA SER B 6 7.38 4.28 -0.22
C SER B 6 6.66 3.02 -0.67
N GLN B 7 6.13 3.03 -1.91
CA GLN B 7 5.44 1.90 -2.52
C GLN B 7 5.76 1.80 -3.99
N ASN B 8 6.08 0.58 -4.46
CA ASN B 8 6.36 0.29 -5.86
C ASN B 8 5.78 -1.07 -6.29
N PRO B 9 5.19 -1.18 -7.51
CA PRO B 9 4.98 -0.09 -8.48
C PRO B 9 3.83 0.80 -8.05
N ARG B 10 3.76 2.03 -8.56
CA ARG B 10 2.67 2.95 -8.24
C ARG B 10 1.41 2.49 -8.99
N HIS B 11 1.60 1.89 -10.18
CA HIS B 11 0.54 1.37 -11.06
C HIS B 11 0.95 0.01 -11.60
N LYS B 12 -0.03 -0.89 -11.80
CA LYS B 12 0.24 -2.22 -12.33
C LYS B 12 -0.95 -2.79 -13.09
N ILE B 13 -0.70 -3.32 -14.30
CA ILE B 13 -1.67 -4.01 -15.16
C ILE B 13 -1.26 -5.49 -15.26
N THR B 14 -2.19 -6.39 -14.93
CA THR B 14 -1.97 -7.83 -15.05
C THR B 14 -3.15 -8.50 -15.74
N LYS B 15 -2.86 -9.55 -16.52
CA LYS B 15 -3.88 -10.37 -17.19
C LYS B 15 -4.40 -11.29 -16.11
N ARG B 16 -5.73 -11.54 -16.07
CA ARG B 16 -6.36 -12.42 -15.09
C ARG B 16 -5.67 -13.80 -15.05
N GLY B 17 -5.34 -14.25 -13.85
CA GLY B 17 -4.66 -15.52 -13.64
C GLY B 17 -3.17 -15.41 -13.41
N GLN B 18 -2.59 -14.22 -13.67
CA GLN B 18 -1.16 -13.98 -13.45
C GLN B 18 -0.90 -13.59 -12.00
N ASN B 19 0.30 -13.91 -11.50
CA ASN B 19 0.72 -13.58 -10.14
C ASN B 19 1.34 -12.17 -10.12
N VAL B 20 1.03 -11.39 -9.08
CA VAL B 20 1.56 -10.04 -8.93
C VAL B 20 2.18 -9.79 -7.54
N THR B 21 3.29 -9.04 -7.48
CA THR B 21 3.98 -8.72 -6.24
C THR B 21 4.20 -7.21 -6.09
N PHE B 22 3.81 -6.67 -4.91
CA PHE B 22 3.98 -5.25 -4.57
C PHE B 22 5.01 -5.12 -3.45
N ARG B 23 5.69 -3.97 -3.38
CA ARG B 23 6.70 -3.72 -2.36
C ARG B 23 6.39 -2.45 -1.58
N CYS B 24 6.66 -2.50 -0.26
CA CYS B 24 6.51 -1.35 0.61
C CYS B 24 7.77 -1.14 1.43
N ASP B 25 8.28 0.11 1.40
CA ASP B 25 9.44 0.53 2.16
C ASP B 25 8.93 1.52 3.24
N PRO B 26 8.84 1.08 4.51
CA PRO B 26 8.30 1.96 5.56
C PRO B 26 9.29 3.01 6.05
N ILE B 27 8.84 3.86 7.00
CA ILE B 27 9.71 4.85 7.66
C ILE B 27 10.61 4.01 8.58
N SER B 28 11.94 4.07 8.33
CA SER B 28 13.01 3.33 9.00
C SER B 28 12.84 3.05 10.49
N GLU B 29 12.55 4.09 11.29
CA GLU B 29 12.36 3.97 12.74
C GLU B 29 11.10 3.18 13.14
N HIS B 30 10.09 3.12 12.25
CA HIS B 30 8.84 2.42 12.51
C HIS B 30 8.99 0.90 12.46
N ASN B 31 8.60 0.24 13.57
CA ASN B 31 8.67 -1.22 13.76
C ASN B 31 7.41 -1.96 13.24
N ARG B 32 6.29 -1.23 13.10
CA ARG B 32 5.02 -1.77 12.66
C ARG B 32 4.77 -1.47 11.17
N LEU B 33 4.25 -2.47 10.43
CA LEU B 33 3.93 -2.34 9.00
C LEU B 33 2.58 -2.96 8.72
N TYR B 34 1.72 -2.18 8.06
CA TYR B 34 0.34 -2.57 7.73
C TYR B 34 0.12 -2.67 6.22
N TRP B 35 -0.77 -3.59 5.80
CA TRP B 35 -1.20 -3.77 4.42
C TRP B 35 -2.73 -3.66 4.39
N TYR B 36 -3.26 -2.79 3.50
CA TYR B 36 -4.67 -2.52 3.32
C TYR B 36 -5.07 -2.63 1.85
N ARG B 37 -6.35 -2.95 1.61
CA ARG B 37 -6.96 -3.03 0.28
C ARG B 37 -8.09 -2.01 0.25
N GLN B 38 -8.18 -1.22 -0.82
CA GLN B 38 -9.22 -0.22 -0.97
C GLN B 38 -9.86 -0.29 -2.35
N THR B 39 -11.13 -0.73 -2.39
CA THR B 39 -11.89 -0.83 -3.64
C THR B 39 -12.67 0.48 -3.85
N LEU B 40 -13.06 0.78 -5.11
CA LEU B 40 -13.81 1.98 -5.50
C LEU B 40 -15.00 2.27 -4.57
N GLY B 41 -15.07 3.51 -4.09
CA GLY B 41 -16.13 3.99 -3.22
C GLY B 41 -16.08 3.56 -1.77
N GLN B 42 -15.27 2.55 -1.44
CA GLN B 42 -15.13 2.02 -0.08
C GLN B 42 -13.89 2.54 0.64
N GLY B 43 -13.85 2.37 1.95
CA GLY B 43 -12.71 2.74 2.78
C GLY B 43 -11.66 1.64 2.83
N PRO B 44 -10.44 1.93 3.36
CA PRO B 44 -9.40 0.87 3.42
C PRO B 44 -9.77 -0.30 4.33
N GLU B 45 -9.52 -1.53 3.84
CA GLU B 45 -9.80 -2.77 4.55
C GLU B 45 -8.50 -3.44 4.96
N PHE B 46 -8.35 -3.72 6.27
CA PHE B 46 -7.18 -4.38 6.87
C PHE B 46 -6.93 -5.76 6.28
N LEU B 47 -5.71 -5.99 5.78
CA LEU B 47 -5.32 -7.28 5.22
C LEU B 47 -4.46 -8.07 6.21
N THR B 48 -3.37 -7.43 6.68
CA THR B 48 -2.40 -7.99 7.62
C THR B 48 -1.49 -6.91 8.20
N TYR B 49 -0.78 -7.24 9.31
CA TYR B 49 0.19 -6.36 9.96
C TYR B 49 1.35 -7.08 10.63
N PHE B 50 2.51 -6.43 10.59
CA PHE B 50 3.76 -6.91 11.15
C PHE B 50 4.22 -5.96 12.25
N GLN B 51 4.97 -6.50 13.22
CA GLN B 51 5.62 -5.74 14.27
C GLN B 51 6.99 -6.35 14.38
N ASN B 52 8.00 -5.59 13.93
CA ASN B 52 9.40 -6.01 13.82
C ASN B 52 9.46 -7.13 12.77
N GLU B 53 10.08 -8.27 13.09
CA GLU B 53 10.23 -9.42 12.19
C GLU B 53 9.00 -10.34 12.15
N ALA B 54 8.03 -10.13 13.07
CA ALA B 54 6.86 -10.99 13.20
C ALA B 54 5.55 -10.50 12.59
N GLN B 55 4.81 -11.43 11.94
CA GLN B 55 3.46 -11.19 11.40
C GLN B 55 2.52 -11.39 12.60
N LEU B 56 1.81 -10.34 13.00
CA LEU B 56 0.94 -10.37 14.18
C LEU B 56 -0.47 -10.86 13.91
N GLU B 57 -1.07 -10.44 12.79
CA GLU B 57 -2.42 -10.84 12.42
C GLU B 57 -2.70 -10.64 10.93
N LYS B 58 -3.48 -11.57 10.37
CA LYS B 58 -3.99 -11.58 9.00
C LYS B 58 -5.51 -11.68 9.14
N SER B 59 -6.27 -10.82 8.42
CA SER B 59 -7.74 -10.82 8.50
C SER B 59 -8.32 -12.19 8.13
N ARG B 60 -9.37 -12.64 8.86
CA ARG B 60 -10.04 -13.93 8.67
C ARG B 60 -10.54 -14.10 7.23
N LEU B 61 -11.01 -13.01 6.61
CA LEU B 61 -11.52 -12.95 5.25
C LEU B 61 -10.41 -12.41 4.31
N LEU B 62 -9.34 -13.19 4.16
CA LEU B 62 -8.18 -12.87 3.32
C LEU B 62 -7.75 -14.16 2.61
N SER B 63 -8.04 -14.22 1.29
CA SER B 63 -7.79 -15.35 0.38
C SER B 63 -6.41 -16.00 0.54
N ASP B 64 -6.37 -17.35 0.41
CA ASP B 64 -5.13 -18.14 0.49
C ASP B 64 -4.15 -17.80 -0.65
N ARG B 65 -4.61 -16.93 -1.58
CA ARG B 65 -3.89 -16.42 -2.74
C ARG B 65 -2.96 -15.25 -2.35
N PHE B 66 -3.07 -14.80 -1.09
CA PHE B 66 -2.28 -13.69 -0.56
C PHE B 66 -1.19 -14.16 0.39
N SER B 67 0.03 -13.62 0.21
CA SER B 67 1.20 -13.87 1.06
C SER B 67 1.97 -12.57 1.27
N ALA B 68 2.09 -12.14 2.53
CA ALA B 68 2.81 -10.94 2.92
C ALA B 68 4.03 -11.34 3.74
N GLU B 69 5.21 -10.85 3.34
CA GLU B 69 6.49 -11.16 3.98
C GLU B 69 7.32 -9.89 4.24
N ARG B 70 8.29 -9.97 5.15
CA ARG B 70 9.29 -8.95 5.45
C ARG B 70 10.63 -9.61 5.09
N PRO B 71 11.06 -9.53 3.81
CA PRO B 71 12.24 -10.30 3.37
C PRO B 71 13.64 -9.95 3.83
N LYS B 72 13.97 -8.65 3.96
CA LYS B 72 15.32 -8.24 4.36
C LYS B 72 15.33 -6.99 5.24
N GLY B 73 14.74 -7.14 6.44
CA GLY B 73 14.65 -6.07 7.42
C GLY B 73 13.35 -5.32 7.36
N SER B 74 13.44 -3.99 7.17
CA SER B 74 12.30 -3.07 7.14
C SER B 74 11.24 -3.31 6.07
N PHE B 75 11.64 -3.50 4.79
CA PHE B 75 10.72 -3.67 3.66
C PHE B 75 9.81 -4.89 3.70
N SER B 76 8.63 -4.79 3.05
CA SER B 76 7.65 -5.86 2.97
C SER B 76 7.13 -6.07 1.56
N THR B 77 6.83 -7.34 1.23
CA THR B 77 6.26 -7.69 -0.07
C THR B 77 4.87 -8.28 0.10
N LEU B 78 3.98 -8.00 -0.87
CA LEU B 78 2.63 -8.52 -0.89
C LEU B 78 2.42 -9.24 -2.23
N GLU B 79 2.28 -10.57 -2.15
CA GLU B 79 2.08 -11.41 -3.34
C GLU B 79 0.62 -11.82 -3.46
N ILE B 80 0.07 -11.63 -4.66
CA ILE B 80 -1.29 -12.05 -5.01
C ILE B 80 -1.12 -13.01 -6.18
N GLN B 81 -1.46 -14.28 -5.97
CA GLN B 81 -1.36 -15.30 -7.00
C GLN B 81 -2.71 -15.52 -7.68
N ARG B 82 -2.70 -15.81 -9.01
CA ARG B 82 -3.88 -16.05 -9.85
C ARG B 82 -4.92 -14.92 -9.67
N THR B 83 -4.54 -13.70 -10.06
CA THR B 83 -5.37 -12.50 -9.96
C THR B 83 -6.66 -12.62 -10.73
N GLU B 84 -7.74 -12.05 -10.17
CA GLU B 84 -9.08 -12.01 -10.76
C GLU B 84 -9.57 -10.56 -10.77
N GLN B 85 -10.63 -10.26 -11.57
CA GLN B 85 -11.19 -8.91 -11.70
C GLN B 85 -11.44 -8.19 -10.36
N GLY B 86 -11.90 -8.95 -9.35
CA GLY B 86 -12.18 -8.45 -8.00
C GLY B 86 -10.95 -7.98 -7.24
N ASP B 87 -9.74 -8.29 -7.74
CA ASP B 87 -8.48 -7.86 -7.14
C ASP B 87 -8.11 -6.43 -7.53
N SER B 88 -8.78 -5.87 -8.56
CA SER B 88 -8.56 -4.50 -9.01
C SER B 88 -8.92 -3.54 -7.87
N ALA B 89 -7.87 -2.97 -7.25
CA ALA B 89 -7.97 -2.08 -6.09
C ALA B 89 -6.71 -1.25 -5.89
N MET B 90 -6.74 -0.37 -4.87
CA MET B 90 -5.61 0.42 -4.44
C MET B 90 -5.07 -0.31 -3.21
N TYR B 91 -3.83 -0.83 -3.31
CA TYR B 91 -3.22 -1.54 -2.18
C TYR B 91 -2.34 -0.58 -1.39
N LEU B 92 -2.78 -0.27 -0.17
CA LEU B 92 -2.14 0.70 0.69
C LEU B 92 -1.28 0.08 1.76
N CYS B 93 -0.16 0.74 2.02
CA CYS B 93 0.77 0.33 3.04
C CYS B 93 0.91 1.45 4.06
N ALA B 94 1.00 1.09 5.35
CA ALA B 94 1.16 2.05 6.45
C ALA B 94 2.23 1.58 7.42
N SER B 95 2.90 2.54 8.08
CA SER B 95 3.92 2.25 9.09
C SER B 95 3.72 3.10 10.35
N SER B 96 4.09 2.55 11.51
CA SER B 96 3.97 3.22 12.82
C SER B 96 4.96 2.70 13.85
N LEU B 97 5.15 3.47 14.94
CA LEU B 97 5.96 3.09 16.09
C LEU B 97 4.94 2.56 17.11
N GLY B 98 4.67 1.26 17.03
CA GLY B 98 3.70 0.57 17.88
C GLY B 98 2.27 0.94 17.55
N GLY B 99 1.48 1.22 18.59
CA GLY B 99 0.06 1.57 18.46
C GLY B 99 -0.21 3.04 18.18
N TYR B 100 0.84 3.83 17.91
CA TYR B 100 0.75 5.27 17.62
C TYR B 100 0.39 5.53 16.14
N GLU B 101 0.40 6.83 15.72
CA GLU B 101 0.09 7.34 14.39
C GLU B 101 0.60 6.52 13.18
N GLN B 102 -0.31 6.12 12.29
CA GLN B 102 -0.03 5.35 11.08
C GLN B 102 0.20 6.30 9.92
N TYR B 103 1.33 6.14 9.22
CA TYR B 103 1.69 6.97 8.07
C TYR B 103 1.57 6.12 6.82
N PHE B 104 0.71 6.55 5.89
CA PHE B 104 0.40 5.81 4.68
C PHE B 104 1.28 6.13 3.47
N GLY B 105 1.50 5.10 2.65
CA GLY B 105 2.25 5.20 1.40
C GLY B 105 1.35 5.71 0.28
N PRO B 106 1.89 5.97 -0.93
CA PRO B 106 1.04 6.48 -2.02
C PRO B 106 0.09 5.46 -2.66
N GLY B 107 0.28 4.17 -2.34
CA GLY B 107 -0.54 3.09 -2.83
C GLY B 107 -0.12 2.54 -4.18
N THR B 108 -0.56 1.30 -4.48
CA THR B 108 -0.35 0.62 -5.74
C THR B 108 -1.71 0.43 -6.40
N ARG B 109 -1.91 1.06 -7.57
CA ARG B 109 -3.14 0.92 -8.33
C ARG B 109 -3.01 -0.36 -9.16
N LEU B 110 -3.82 -1.38 -8.83
CA LEU B 110 -3.81 -2.64 -9.55
C LEU B 110 -5.06 -2.77 -10.40
N THR B 111 -4.89 -3.05 -11.70
CA THR B 111 -5.98 -3.31 -12.61
C THR B 111 -5.78 -4.70 -13.19
N VAL B 112 -6.76 -5.57 -12.97
CA VAL B 112 -6.76 -6.93 -13.47
C VAL B 112 -7.66 -6.95 -14.71
N THR B 113 -7.04 -7.11 -15.88
CA THR B 113 -7.72 -7.15 -17.17
C THR B 113 -7.88 -8.60 -17.67
N GLU B 114 -8.82 -8.84 -18.60
CA GLU B 114 -9.08 -10.16 -19.19
C GLU B 114 -7.96 -10.55 -20.16
N ASP B 115 -7.43 -9.55 -20.90
CA ASP B 115 -6.36 -9.70 -21.88
C ASP B 115 -5.63 -8.37 -21.96
N LEU B 116 -4.30 -8.41 -22.19
CA LEU B 116 -3.49 -7.20 -22.31
C LEU B 116 -3.76 -6.41 -23.61
N LYS B 117 -4.50 -7.01 -24.57
CA LYS B 117 -4.91 -6.37 -25.82
C LYS B 117 -5.99 -5.28 -25.55
N ASN B 118 -6.65 -5.34 -24.38
CA ASN B 118 -7.65 -4.38 -23.93
C ASN B 118 -6.98 -3.08 -23.48
N VAL B 119 -5.64 -3.08 -23.31
CA VAL B 119 -4.85 -1.93 -22.88
C VAL B 119 -4.60 -1.00 -24.06
N PHE B 120 -5.09 0.25 -23.95
CA PHE B 120 -4.97 1.26 -24.99
C PHE B 120 -4.50 2.59 -24.40
N PRO B 121 -3.56 3.30 -25.07
CA PRO B 121 -3.15 4.62 -24.58
C PRO B 121 -4.21 5.68 -24.97
N PRO B 122 -4.23 6.89 -24.36
CA PRO B 122 -5.25 7.88 -24.75
C PRO B 122 -4.91 8.67 -26.01
N GLU B 123 -5.96 9.20 -26.66
CA GLU B 123 -5.89 10.11 -27.79
C GLU B 123 -6.29 11.45 -27.19
N VAL B 124 -5.41 12.44 -27.30
CA VAL B 124 -5.61 13.75 -26.69
C VAL B 124 -5.89 14.84 -27.72
N ALA B 125 -6.97 15.63 -27.48
CA ALA B 125 -7.39 16.74 -28.33
C ALA B 125 -7.64 17.97 -27.48
N VAL B 126 -7.36 19.16 -28.03
CA VAL B 126 -7.60 20.45 -27.40
C VAL B 126 -8.67 21.18 -28.20
N PHE B 127 -9.69 21.69 -27.50
CA PHE B 127 -10.79 22.43 -28.08
C PHE B 127 -10.60 23.90 -27.77
N VAL B 128 -10.45 24.69 -28.84
CA VAL B 128 -10.17 26.12 -28.84
C VAL B 128 -11.34 26.97 -28.31
N PRO B 129 -11.07 28.03 -27.50
CA PRO B 129 -12.16 28.89 -26.98
C PRO B 129 -13.09 29.45 -28.07
N SER B 130 -14.40 29.53 -27.76
CA SER B 130 -15.40 30.05 -28.69
C SER B 130 -15.40 31.57 -28.65
N GLU B 131 -15.70 32.20 -29.81
CA GLU B 131 -15.78 33.65 -29.96
C GLU B 131 -16.92 34.21 -29.11
N ALA B 132 -18.02 33.44 -28.98
CA ALA B 132 -19.18 33.78 -28.16
C ALA B 132 -18.81 33.90 -26.68
N GLU B 133 -17.90 33.03 -26.16
CA GLU B 133 -17.44 33.09 -24.77
C GLU B 133 -16.59 34.34 -24.54
N ILE B 134 -15.68 34.64 -25.49
CA ILE B 134 -14.77 35.79 -25.48
C ILE B 134 -15.58 37.10 -25.43
N SER B 135 -16.56 37.26 -26.33
CA SER B 135 -17.40 38.46 -26.40
C SER B 135 -18.37 38.59 -25.23
N HIS B 136 -18.78 37.47 -24.60
CA HIS B 136 -19.71 37.47 -23.49
C HIS B 136 -19.05 37.62 -22.11
N THR B 137 -17.84 37.07 -21.90
CA THR B 137 -17.16 37.10 -20.59
C THR B 137 -15.79 37.80 -20.56
N GLN B 138 -15.14 37.98 -21.73
CA GLN B 138 -13.77 38.50 -21.87
C GLN B 138 -12.74 37.54 -21.22
N LYS B 139 -13.12 36.25 -21.21
CA LYS B 139 -12.38 35.10 -20.71
C LYS B 139 -12.40 34.03 -21.81
N ALA B 140 -11.41 33.14 -21.79
CA ALA B 140 -11.27 32.11 -22.82
C ALA B 140 -10.96 30.75 -22.20
N THR B 141 -11.82 29.75 -22.47
CA THR B 141 -11.69 28.40 -21.93
C THR B 141 -11.22 27.38 -22.96
N LEU B 142 -10.17 26.64 -22.62
CA LEU B 142 -9.63 25.56 -23.43
C LEU B 142 -10.11 24.24 -22.85
N VAL B 143 -10.64 23.36 -23.70
CA VAL B 143 -11.10 22.05 -23.24
C VAL B 143 -10.18 20.95 -23.75
N CYS B 144 -9.68 20.13 -22.83
CA CYS B 144 -8.86 18.98 -23.22
C CYS B 144 -9.68 17.71 -23.15
N LEU B 145 -9.64 16.89 -24.21
CA LEU B 145 -10.35 15.62 -24.26
C LEU B 145 -9.40 14.45 -24.43
N ALA B 146 -9.21 13.66 -23.36
CA ALA B 146 -8.40 12.45 -23.37
C ALA B 146 -9.42 11.30 -23.49
N THR B 147 -9.40 10.57 -24.61
CA THR B 147 -10.36 9.49 -24.88
C THR B 147 -9.71 8.16 -25.25
N GLY B 148 -10.49 7.08 -25.14
CA GLY B 148 -10.12 5.72 -25.51
C GLY B 148 -8.95 5.08 -24.79
N PHE B 149 -8.78 5.38 -23.50
CA PHE B 149 -7.72 4.79 -22.71
C PHE B 149 -8.21 3.72 -21.76
N TYR B 150 -7.38 2.70 -21.54
CA TYR B 150 -7.62 1.60 -20.61
C TYR B 150 -6.27 1.09 -20.11
N PRO B 151 -6.05 0.99 -18.77
CA PRO B 151 -6.99 1.32 -17.68
C PRO B 151 -7.07 2.82 -17.39
N ASP B 152 -7.87 3.21 -16.38
CA ASP B 152 -8.03 4.62 -15.99
C ASP B 152 -6.85 5.18 -15.18
N HIS B 153 -5.62 4.69 -15.46
CA HIS B 153 -4.36 5.10 -14.83
C HIS B 153 -3.79 6.30 -15.60
N VAL B 154 -4.38 7.50 -15.37
CA VAL B 154 -3.97 8.74 -16.04
C VAL B 154 -3.69 9.91 -15.09
N GLU B 155 -2.85 10.85 -15.54
CA GLU B 155 -2.45 12.05 -14.82
C GLU B 155 -2.45 13.21 -15.83
N LEU B 156 -3.43 14.12 -15.71
CA LEU B 156 -3.59 15.25 -16.62
C LEU B 156 -2.98 16.54 -16.05
N SER B 157 -2.29 17.29 -16.92
CA SER B 157 -1.67 18.57 -16.57
C SER B 157 -1.70 19.53 -17.75
N TRP B 158 -1.77 20.84 -17.45
CA TRP B 158 -1.78 21.92 -18.43
C TRP B 158 -0.44 22.64 -18.41
N TRP B 159 0.06 22.99 -19.59
CA TRP B 159 1.34 23.66 -19.75
C TRP B 159 1.19 24.91 -20.60
N VAL B 160 1.59 26.07 -20.04
CA VAL B 160 1.51 27.36 -20.71
C VAL B 160 2.93 27.89 -20.88
N ASN B 161 3.38 27.97 -22.15
CA ASN B 161 4.72 28.44 -22.55
C ASN B 161 5.84 27.64 -21.87
N GLY B 162 5.68 26.31 -21.88
CA GLY B 162 6.63 25.38 -21.27
C GLY B 162 6.59 25.27 -19.77
N LYS B 163 5.64 25.96 -19.12
CA LYS B 163 5.51 25.93 -17.67
C LYS B 163 4.16 25.37 -17.23
N GLU B 164 4.17 24.42 -16.28
CA GLU B 164 2.96 23.79 -15.75
C GLU B 164 2.16 24.79 -14.94
N VAL B 165 0.84 24.88 -15.23
CA VAL B 165 -0.07 25.80 -14.56
C VAL B 165 -1.07 25.10 -13.66
N HIS B 166 -1.37 25.72 -12.53
CA HIS B 166 -2.32 25.20 -11.53
C HIS B 166 -3.50 26.15 -11.33
N SER B 167 -3.34 27.42 -11.74
CA SER B 167 -4.37 28.46 -11.64
C SER B 167 -5.24 28.46 -12.89
N GLY B 168 -6.55 28.52 -12.68
CA GLY B 168 -7.58 28.50 -13.73
C GLY B 168 -7.78 27.15 -14.36
N VAL B 169 -7.48 26.07 -13.60
CA VAL B 169 -7.55 24.67 -14.05
C VAL B 169 -8.47 23.81 -13.17
N CYS B 170 -9.21 22.88 -13.80
CA CYS B 170 -10.02 21.83 -13.18
C CYS B 170 -10.21 20.62 -14.10
N THR B 171 -9.84 19.45 -13.60
CA THR B 171 -9.95 18.18 -14.29
C THR B 171 -11.15 17.47 -13.66
N ASP B 172 -11.84 16.60 -14.42
CA ASP B 172 -12.96 15.81 -13.93
C ASP B 172 -12.54 15.00 -12.69
N PRO B 173 -13.44 14.81 -11.68
CA PRO B 173 -13.07 14.03 -10.49
C PRO B 173 -12.56 12.62 -10.80
N GLN B 174 -13.22 11.95 -11.77
CA GLN B 174 -12.90 10.60 -12.23
C GLN B 174 -13.22 10.46 -13.73
N PRO B 175 -12.53 9.55 -14.47
CA PRO B 175 -12.87 9.38 -15.90
C PRO B 175 -14.21 8.68 -16.07
N LEU B 176 -14.84 8.82 -17.25
CA LEU B 176 -16.10 8.16 -17.54
C LEU B 176 -15.92 6.98 -18.49
N LYS B 177 -16.72 5.92 -18.31
CA LYS B 177 -16.69 4.73 -19.16
C LYS B 177 -17.34 5.07 -20.50
N GLU B 178 -16.63 4.76 -21.61
CA GLU B 178 -17.12 4.99 -22.97
C GLU B 178 -18.24 4.01 -23.31
N GLN B 179 -18.07 2.73 -22.94
CA GLN B 179 -19.07 1.67 -23.14
C GLN B 179 -19.44 1.11 -21.75
N PRO B 180 -20.25 1.81 -20.91
CA PRO B 180 -20.55 1.29 -19.56
C PRO B 180 -21.08 -0.14 -19.44
N ALA B 181 -21.54 -0.73 -20.56
CA ALA B 181 -22.03 -2.10 -20.62
C ALA B 181 -20.87 -3.11 -20.53
N LEU B 182 -19.73 -2.82 -21.19
CA LEU B 182 -18.53 -3.66 -21.20
C LEU B 182 -17.75 -3.62 -19.89
N ASN B 183 -17.20 -4.78 -19.50
CA ASN B 183 -16.41 -4.95 -18.27
C ASN B 183 -15.02 -4.34 -18.40
N ASP B 184 -14.43 -4.39 -19.62
CA ASP B 184 -13.11 -3.83 -19.92
C ASP B 184 -13.25 -2.60 -20.84
N SER B 185 -14.24 -1.75 -20.51
CA SER B 185 -14.59 -0.52 -21.21
C SER B 185 -13.46 0.51 -21.15
N ARG B 186 -13.31 1.26 -22.25
CA ARG B 186 -12.31 2.32 -22.34
C ARG B 186 -12.83 3.58 -21.65
N TYR B 187 -11.92 4.45 -21.21
CA TYR B 187 -12.27 5.65 -20.46
C TYR B 187 -12.02 6.94 -21.21
N ALA B 188 -12.73 7.99 -20.78
CA ALA B 188 -12.62 9.35 -21.30
C ALA B 188 -12.51 10.32 -20.13
N LEU B 189 -11.59 11.29 -20.23
CA LEU B 189 -11.37 12.30 -19.19
C LEU B 189 -11.24 13.69 -19.81
N SER B 190 -11.86 14.70 -19.20
CA SER B 190 -11.77 16.07 -19.68
C SER B 190 -11.20 17.00 -18.62
N SER B 191 -10.65 18.13 -19.08
CA SER B 191 -10.06 19.15 -18.23
C SER B 191 -10.22 20.52 -18.87
N ARG B 192 -10.23 21.57 -18.05
CA ARG B 192 -10.39 22.94 -18.53
C ARG B 192 -9.31 23.87 -18.03
N LEU B 193 -8.90 24.79 -18.90
CA LEU B 193 -7.93 25.84 -18.59
C LEU B 193 -8.58 27.15 -19.01
N ARG B 194 -8.75 28.07 -18.05
CA ARG B 194 -9.34 29.36 -18.35
C ARG B 194 -8.35 30.47 -18.18
N VAL B 195 -8.19 31.26 -19.24
CA VAL B 195 -7.30 32.42 -19.29
C VAL B 195 -8.14 33.62 -19.71
N SER B 196 -7.57 34.83 -19.69
CA SER B 196 -8.31 36.00 -20.17
C SER B 196 -8.30 35.98 -21.69
N ALA B 197 -9.29 36.67 -22.33
CA ALA B 197 -9.41 36.77 -23.78
C ALA B 197 -8.11 37.33 -24.37
N THR B 198 -7.52 38.35 -23.69
CA THR B 198 -6.26 39.02 -24.00
C THR B 198 -5.11 38.03 -24.14
N PHE B 199 -4.91 37.18 -23.12
CA PHE B 199 -3.86 36.15 -23.09
C PHE B 199 -4.03 35.13 -24.22
N TRP B 200 -5.28 34.73 -24.53
CA TRP B 200 -5.57 33.80 -25.63
C TRP B 200 -5.36 34.47 -27.01
N GLN B 201 -5.68 35.77 -27.13
CA GLN B 201 -5.56 36.52 -28.37
C GLN B 201 -4.11 36.79 -28.81
N ASP B 202 -3.15 36.65 -27.89
CA ASP B 202 -1.73 36.85 -28.15
C ASP B 202 -1.17 35.61 -28.88
N PRO B 203 -0.70 35.76 -30.16
CA PRO B 203 -0.17 34.59 -30.89
C PRO B 203 1.17 34.05 -30.38
N ARG B 204 1.76 34.71 -29.38
CA ARG B 204 3.02 34.31 -28.76
C ARG B 204 2.82 33.23 -27.69
N ASN B 205 1.55 33.03 -27.26
CA ASN B 205 1.20 32.06 -26.23
C ASN B 205 0.89 30.67 -26.76
N HIS B 206 1.51 29.66 -26.12
CA HIS B 206 1.41 28.23 -26.42
C HIS B 206 0.70 27.55 -25.25
N PHE B 207 -0.25 26.65 -25.56
CA PHE B 207 -1.08 25.95 -24.59
C PHE B 207 -1.04 24.45 -24.89
N ARG B 208 -0.60 23.66 -23.92
CA ARG B 208 -0.48 22.20 -24.09
C ARG B 208 -1.19 21.43 -23.00
N CYS B 209 -1.97 20.42 -23.42
CA CYS B 209 -2.62 19.50 -22.51
C CYS B 209 -1.78 18.22 -22.52
N GLN B 210 -1.21 17.87 -21.37
CA GLN B 210 -0.39 16.67 -21.23
C GLN B 210 -1.13 15.60 -20.45
N VAL B 211 -1.21 14.40 -21.01
CA VAL B 211 -1.84 13.26 -20.35
C VAL B 211 -0.79 12.16 -20.13
N GLN B 212 -0.41 11.95 -18.86
CA GLN B 212 0.53 10.89 -18.47
C GLN B 212 -0.26 9.59 -18.35
N PHE B 213 0.13 8.57 -19.12
CA PHE B 213 -0.52 7.27 -19.12
C PHE B 213 0.40 6.21 -18.51
N TYR B 214 -0.17 5.36 -17.63
CA TYR B 214 0.58 4.28 -16.99
C TYR B 214 0.15 2.96 -17.63
N GLY B 215 1.02 2.46 -18.50
CA GLY B 215 0.77 1.25 -19.28
C GLY B 215 1.57 0.03 -18.89
N LEU B 216 1.94 -0.76 -19.91
CA LEU B 216 2.69 -2.01 -19.76
C LEU B 216 4.17 -1.78 -19.51
N SER B 217 4.78 -2.70 -18.75
CA SER B 217 6.20 -2.66 -18.40
C SER B 217 7.05 -3.25 -19.54
N GLU B 218 8.40 -3.10 -19.43
CA GLU B 218 9.37 -3.61 -20.40
C GLU B 218 9.35 -5.14 -20.49
N ASN B 219 9.04 -5.81 -19.35
CA ASN B 219 8.97 -7.26 -19.21
C ASN B 219 7.67 -7.89 -19.76
N ASP B 220 6.69 -7.05 -20.17
CA ASP B 220 5.41 -7.51 -20.72
C ASP B 220 5.51 -7.95 -22.18
N GLU B 221 4.83 -9.07 -22.52
CA GLU B 221 4.80 -9.65 -23.86
C GLU B 221 3.72 -9.00 -24.72
N TRP B 222 4.07 -8.61 -25.96
CA TRP B 222 3.16 -7.96 -26.91
C TRP B 222 3.22 -8.59 -28.29
N THR B 223 2.10 -9.16 -28.75
CA THR B 223 1.98 -9.81 -30.06
C THR B 223 0.78 -9.22 -30.81
N GLN B 224 0.85 -7.91 -31.11
CA GLN B 224 -0.18 -7.16 -31.83
C GLN B 224 0.45 -6.26 -32.89
N ASP B 225 -0.33 -5.94 -33.94
CA ASP B 225 0.10 -5.09 -35.07
C ASP B 225 0.38 -3.64 -34.62
N ARG B 226 -0.41 -3.12 -33.67
CA ARG B 226 -0.26 -1.77 -33.13
C ARG B 226 0.90 -1.63 -32.15
N ALA B 227 1.26 -0.37 -31.82
CA ALA B 227 2.35 -0.06 -30.89
C ALA B 227 2.04 -0.52 -29.48
N LYS B 228 3.07 -1.05 -28.79
CA LYS B 228 3.00 -1.55 -27.42
C LYS B 228 2.57 -0.41 -26.47
N PRO B 229 1.41 -0.55 -25.77
CA PRO B 229 0.94 0.53 -24.90
C PRO B 229 1.67 0.61 -23.56
N VAL B 230 2.89 1.14 -23.60
CA VAL B 230 3.76 1.34 -22.45
C VAL B 230 3.40 2.64 -21.74
N THR B 231 4.04 2.91 -20.59
CA THR B 231 3.90 4.16 -19.86
C THR B 231 4.42 5.26 -20.80
N GLN B 232 3.55 6.20 -21.12
CA GLN B 232 3.86 7.28 -22.07
C GLN B 232 3.05 8.54 -21.78
N ILE B 233 3.47 9.64 -22.41
CA ILE B 233 2.82 10.95 -22.34
C ILE B 233 2.22 11.20 -23.73
N VAL B 234 0.91 11.48 -23.76
CA VAL B 234 0.20 11.86 -24.99
C VAL B 234 -0.27 13.30 -24.81
N SER B 235 0.14 14.19 -25.74
CA SER B 235 -0.17 15.60 -25.65
C SER B 235 -0.92 16.16 -26.86
N ALA B 236 -1.63 17.28 -26.63
CA ALA B 236 -2.35 18.06 -27.63
C ALA B 236 -2.01 19.52 -27.36
N GLU B 237 -1.79 20.30 -28.42
CA GLU B 237 -1.39 21.70 -28.26
C GLU B 237 -2.09 22.72 -29.15
N ALA B 238 -2.14 23.96 -28.68
CA ALA B 238 -2.76 25.10 -29.37
C ALA B 238 -1.97 26.37 -29.16
N TRP B 239 -1.97 27.24 -30.18
CA TRP B 239 -1.32 28.55 -30.13
C TRP B 239 -2.42 29.61 -30.10
N GLY B 240 -2.10 30.77 -29.53
CA GLY B 240 -3.03 31.90 -29.46
C GLY B 240 -3.32 32.52 -30.82
N ARG B 241 -4.47 33.22 -30.93
CA ARG B 241 -4.88 33.91 -32.16
C ARG B 241 -5.84 35.06 -31.92
N ALA B 242 -5.63 36.19 -32.64
CA ALA B 242 -6.45 37.40 -32.57
C ALA B 242 -7.85 37.19 -33.15
N LYS C 10 6.08 -42.89 13.75
CA LYS C 10 6.40 -41.49 14.00
C LYS C 10 5.16 -40.71 14.41
N ASP C 11 5.17 -40.13 15.62
CA ASP C 11 4.07 -39.34 16.19
C ASP C 11 4.31 -37.82 15.99
N LEU C 12 4.84 -37.47 14.80
CA LEU C 12 5.16 -36.11 14.38
C LEU C 12 3.94 -35.21 14.30
N ARG C 13 4.07 -33.94 14.73
CA ARG C 13 3.00 -32.94 14.68
C ARG C 13 2.73 -32.54 13.23
N LYS C 14 1.46 -32.22 12.92
CA LYS C 14 1.04 -31.86 11.56
C LYS C 14 1.08 -30.36 11.29
N LYS C 15 1.34 -29.99 10.01
CA LYS C 15 1.37 -28.61 9.50
C LYS C 15 0.01 -27.92 9.69
N SER C 16 -1.09 -28.68 9.50
CA SER C 16 -2.47 -28.23 9.65
C SER C 16 -2.83 -27.84 11.09
N GLU C 17 -2.13 -28.43 12.07
CA GLU C 17 -2.38 -28.20 13.50
C GLU C 17 -1.79 -26.90 14.05
N LEU C 18 -0.95 -26.19 13.25
CA LEU C 18 -0.31 -24.92 13.63
C LEU C 18 -1.33 -23.82 13.90
N GLN C 19 -0.94 -22.87 14.77
CA GLN C 19 -1.75 -21.70 15.13
C GLN C 19 -1.75 -20.68 13.96
N ARG C 20 -2.80 -19.84 13.89
CA ARG C 20 -3.06 -18.81 12.87
C ARG C 20 -1.86 -18.14 12.19
N ASN C 21 -0.87 -17.65 12.97
CA ASN C 21 0.30 -16.95 12.43
C ASN C 21 1.63 -17.68 12.58
N ALA C 22 1.62 -18.90 13.14
CA ALA C 22 2.82 -19.73 13.38
C ALA C 22 3.62 -20.04 12.12
N LEU C 23 2.95 -20.52 11.04
CA LEU C 23 3.57 -20.88 9.76
C LEU C 23 4.32 -19.70 9.12
N SER C 24 3.72 -18.51 9.11
CA SER C 24 4.32 -17.30 8.57
C SER C 24 5.51 -16.86 9.42
N ASN C 25 5.40 -17.00 10.76
CA ASN C 25 6.50 -16.64 11.66
C ASN C 25 7.67 -17.63 11.62
N LEU C 26 7.38 -18.91 11.33
CA LEU C 26 8.42 -19.94 11.14
C LEU C 26 9.17 -19.62 9.86
N ARG C 27 8.43 -19.17 8.83
CA ARG C 27 8.94 -18.75 7.52
C ARG C 27 9.91 -17.56 7.69
N GLN C 28 9.55 -16.60 8.57
CA GLN C 28 10.35 -15.41 8.87
C GLN C 28 11.68 -15.80 9.56
N ILE C 29 11.60 -16.54 10.68
CA ILE C 29 12.76 -17.01 11.47
C ILE C 29 13.79 -17.79 10.63
N TYR C 30 13.35 -18.86 9.96
CA TYR C 30 14.22 -19.77 9.22
C TYR C 30 14.65 -19.36 7.83
N TYR C 31 13.90 -18.47 7.16
CA TYR C 31 14.27 -18.06 5.80
C TYR C 31 14.56 -16.58 5.58
N TYR C 32 13.76 -15.69 6.17
CA TYR C 32 13.92 -14.25 5.95
C TYR C 32 14.77 -13.47 6.95
N ASN C 33 14.45 -13.59 8.26
CA ASN C 33 15.10 -12.87 9.35
C ASN C 33 16.61 -12.97 9.39
N GLU C 34 17.25 -11.81 9.63
CA GLU C 34 18.70 -11.69 9.77
C GLU C 34 19.10 -12.40 11.05
N LYS C 35 20.26 -13.04 11.06
CA LYS C 35 20.72 -13.77 12.24
C LYS C 35 21.80 -12.98 12.97
N ALA C 36 21.92 -13.21 14.29
CA ALA C 36 22.95 -12.59 15.11
C ALA C 36 24.18 -13.49 14.93
N ILE C 37 25.10 -13.10 14.03
CA ILE C 37 26.33 -13.86 13.74
C ILE C 37 27.56 -12.98 13.96
N THR C 38 28.26 -13.21 15.09
CA THR C 38 29.45 -12.46 15.46
C THR C 38 30.41 -13.32 16.30
N GLU C 39 31.69 -12.92 16.32
CA GLU C 39 32.75 -13.56 17.08
C GLU C 39 33.45 -12.54 17.97
N ASN C 40 34.02 -12.99 19.11
CA ASN C 40 34.77 -12.17 20.07
C ASN C 40 33.91 -11.05 20.69
N LYS C 41 32.93 -11.45 21.52
CA LYS C 41 32.03 -10.54 22.22
C LYS C 41 31.95 -10.86 23.70
N GLU C 42 31.85 -9.83 24.54
CA GLU C 42 31.77 -9.97 25.99
C GLU C 42 30.52 -9.25 26.51
N SER C 43 29.69 -9.96 27.30
CA SER C 43 28.47 -9.39 27.88
C SER C 43 28.80 -8.31 28.90
N ASP C 44 27.94 -7.30 28.99
CA ASP C 44 28.11 -6.16 29.91
C ASP C 44 27.49 -6.43 31.29
N ASP C 45 27.74 -5.52 32.26
CA ASP C 45 27.19 -5.58 33.62
C ASP C 45 25.66 -5.44 33.58
N GLN C 46 24.97 -6.46 34.12
CA GLN C 46 23.52 -6.50 34.21
C GLN C 46 23.12 -7.38 35.39
N PHE C 47 22.27 -6.85 36.27
CA PHE C 47 21.78 -7.54 37.47
C PHE C 47 20.70 -8.60 37.16
N LEU C 48 20.18 -8.61 35.91
CA LEU C 48 19.14 -9.53 35.45
C LEU C 48 19.61 -10.99 35.40
N GLU C 49 18.83 -11.88 36.03
CA GLU C 49 19.07 -13.32 36.10
C GLU C 49 18.65 -13.99 34.81
N ASN C 50 19.40 -15.04 34.39
CA ASN C 50 19.16 -15.87 33.19
C ASN C 50 19.46 -15.18 31.84
N THR C 51 19.82 -13.88 31.85
CA THR C 51 20.08 -13.11 30.62
C THR C 51 21.43 -12.41 30.53
N LEU C 52 22.01 -12.38 29.30
CA LEU C 52 23.26 -11.70 28.96
C LEU C 52 22.92 -10.47 28.10
N LEU C 53 23.43 -9.28 28.49
CA LEU C 53 23.22 -8.04 27.76
C LEU C 53 24.44 -7.75 26.89
N PHE C 54 24.21 -7.50 25.60
CA PHE C 54 25.24 -7.14 24.64
C PHE C 54 24.96 -5.72 24.13
N LYS C 55 25.44 -4.72 24.91
CA LYS C 55 25.28 -3.29 24.62
C LYS C 55 26.03 -2.89 23.36
N GLY C 56 25.33 -2.22 22.45
CA GLY C 56 25.89 -1.74 21.18
C GLY C 56 26.24 -2.85 20.21
N PHE C 57 25.57 -4.02 20.34
CA PHE C 57 25.77 -5.17 19.47
C PHE C 57 25.45 -4.80 18.02
N PHE C 58 24.32 -4.09 17.82
CA PHE C 58 23.85 -3.66 16.51
C PHE C 58 24.45 -2.33 16.10
N THR C 59 25.11 -2.32 14.93
CA THR C 59 25.71 -1.12 14.36
C THR C 59 24.92 -0.74 13.11
N GLY C 60 24.36 0.47 13.12
CA GLY C 60 23.55 0.99 12.02
C GLY C 60 22.25 0.24 11.79
N HIS C 61 21.49 -0.02 12.86
CA HIS C 61 20.18 -0.69 12.80
C HIS C 61 19.09 0.29 13.24
N PRO C 62 18.03 0.51 12.41
CA PRO C 62 16.99 1.48 12.79
C PRO C 62 16.10 1.10 13.98
N TRP C 63 16.11 -0.19 14.38
CA TRP C 63 15.29 -0.67 15.49
C TRP C 63 16.08 -0.98 16.75
N TYR C 64 17.26 -1.60 16.62
CA TYR C 64 18.01 -2.04 17.79
C TYR C 64 19.41 -1.49 17.94
N ASN C 65 19.87 -1.46 19.21
CA ASN C 65 21.21 -1.09 19.64
C ASN C 65 21.79 -2.27 20.41
N ASP C 66 20.98 -2.85 21.33
CA ASP C 66 21.40 -3.95 22.20
C ASP C 66 20.80 -5.31 21.84
N LEU C 67 21.51 -6.39 22.24
CA LEU C 67 21.09 -7.78 22.07
C LEU C 67 21.00 -8.44 23.45
N LEU C 68 19.81 -8.97 23.77
CA LEU C 68 19.49 -9.65 25.01
C LEU C 68 19.46 -11.16 24.76
N VAL C 69 20.35 -11.92 25.42
CA VAL C 69 20.42 -13.37 25.23
C VAL C 69 19.91 -14.15 26.45
N ASP C 70 18.82 -14.95 26.26
CA ASP C 70 18.22 -15.76 27.32
C ASP C 70 18.78 -17.18 27.31
N LEU C 71 19.35 -17.61 28.45
CA LEU C 71 19.95 -18.94 28.62
C LEU C 71 19.17 -19.89 29.57
N GLY C 72 18.14 -19.37 30.22
CA GLY C 72 17.26 -20.15 31.10
C GLY C 72 17.57 -20.12 32.58
N SER C 73 18.75 -20.65 32.96
CA SER C 73 19.19 -20.72 34.35
C SER C 73 20.27 -19.69 34.68
N LYS C 74 20.62 -19.58 35.98
CA LYS C 74 21.67 -18.70 36.47
C LYS C 74 23.01 -19.41 36.34
N ASP C 75 23.02 -20.77 36.37
CA ASP C 75 24.22 -21.60 36.21
C ASP C 75 24.78 -21.47 34.78
N ALA C 76 23.89 -21.30 33.78
CA ALA C 76 24.26 -21.10 32.39
C ALA C 76 24.77 -19.68 32.17
N THR C 77 24.15 -18.69 32.85
CA THR C 77 24.52 -17.27 32.79
C THR C 77 25.89 -17.02 33.42
N ASN C 78 26.17 -17.64 34.59
CA ASN C 78 27.45 -17.52 35.30
C ASN C 78 28.62 -18.05 34.47
N LYS C 79 28.37 -19.09 33.64
CA LYS C 79 29.36 -19.72 32.76
C LYS C 79 29.80 -18.77 31.63
N TYR C 80 28.89 -17.88 31.16
CA TYR C 80 29.17 -16.97 30.05
C TYR C 80 29.23 -15.47 30.36
N LYS C 81 28.85 -15.03 31.58
CA LYS C 81 28.86 -13.61 31.96
C LYS C 81 30.26 -13.00 31.92
N GLY C 82 30.41 -11.91 31.16
CA GLY C 82 31.67 -11.18 31.00
C GLY C 82 32.71 -11.87 30.15
N LYS C 83 32.59 -13.20 29.97
CA LYS C 83 33.48 -14.06 29.20
C LYS C 83 33.50 -13.73 27.70
N LYS C 84 34.61 -14.10 27.02
CA LYS C 84 34.83 -13.94 25.58
C LYS C 84 33.96 -14.99 24.90
N VAL C 85 33.02 -14.56 24.04
CA VAL C 85 32.03 -15.44 23.43
C VAL C 85 31.76 -15.22 21.93
N ASP C 86 31.28 -16.29 21.26
CA ASP C 86 30.85 -16.34 19.87
C ASP C 86 29.32 -16.41 19.88
N LEU C 87 28.66 -15.70 18.95
CA LEU C 87 27.20 -15.70 18.84
C LEU C 87 26.71 -16.13 17.47
N TYR C 88 25.76 -17.08 17.45
CA TYR C 88 25.11 -17.59 16.25
C TYR C 88 23.70 -18.07 16.60
N GLY C 89 22.72 -17.25 16.27
CA GLY C 89 21.31 -17.53 16.51
C GLY C 89 20.34 -16.56 15.87
N ALA C 90 19.04 -16.84 16.03
CA ALA C 90 17.96 -16.03 15.48
C ALA C 90 17.47 -15.02 16.51
N TYR C 91 17.46 -13.73 16.14
CA TYR C 91 16.97 -12.68 17.03
C TYR C 91 15.61 -12.13 16.62
N TYR C 92 14.88 -11.58 17.61
CA TYR C 92 13.55 -11.02 17.43
C TYR C 92 13.34 -9.79 18.30
N GLY C 93 12.52 -8.87 17.84
CA GLY C 93 12.19 -7.63 18.55
C GLY C 93 10.80 -7.63 19.17
N TYR C 94 9.84 -8.36 18.56
CA TYR C 94 8.47 -8.41 19.08
C TYR C 94 8.36 -9.25 20.36
N GLN C 95 7.85 -8.62 21.44
CA GLN C 95 7.69 -9.18 22.78
C GLN C 95 9.04 -9.37 23.53
N CYS C 96 10.07 -8.64 23.08
CA CYS C 96 11.42 -8.64 23.67
C CYS C 96 11.46 -7.59 24.78
N ALA C 97 12.05 -7.96 25.94
CA ALA C 97 12.18 -7.12 27.16
C ALA C 97 10.82 -6.51 27.59
N GLY C 98 9.82 -7.38 27.70
CA GLY C 98 8.46 -7.02 28.07
C GLY C 98 7.61 -6.57 26.89
N ASN C 102 14.05 0.16 25.73
CA ASN C 102 13.74 -0.07 24.33
C ASN C 102 15.03 -0.19 23.47
N LYS C 103 14.88 -0.29 22.12
CA LYS C 103 15.98 -0.44 21.14
C LYS C 103 16.83 -1.69 21.42
N THR C 104 16.18 -2.76 21.88
CA THR C 104 16.80 -4.03 22.26
C THR C 104 16.13 -5.25 21.59
N ALA C 105 16.94 -6.13 20.97
CA ALA C 105 16.47 -7.37 20.34
C ALA C 105 16.81 -8.56 21.25
N CYS C 106 16.01 -9.65 21.17
CA CYS C 106 16.15 -10.84 22.01
C CYS C 106 16.57 -12.09 21.25
N MET C 107 17.22 -13.03 21.95
CA MET C 107 17.70 -14.29 21.39
C MET C 107 17.72 -15.38 22.48
N TYR C 108 17.44 -16.63 22.10
CA TYR C 108 17.51 -17.80 22.97
C TYR C 108 18.77 -18.60 22.59
N GLY C 109 19.69 -18.76 23.54
CA GLY C 109 20.93 -19.50 23.33
C GLY C 109 21.87 -18.91 22.28
N GLY C 110 22.44 -19.78 21.46
CA GLY C 110 23.39 -19.43 20.41
C GLY C 110 24.71 -18.90 20.92
N VAL C 111 25.08 -19.28 22.16
CA VAL C 111 26.28 -18.84 22.88
C VAL C 111 27.32 -19.97 22.98
N THR C 112 28.56 -19.69 22.56
CA THR C 112 29.71 -20.59 22.66
C THR C 112 30.93 -19.77 23.08
N LEU C 113 31.75 -20.32 24.01
CA LEU C 113 32.98 -19.67 24.47
C LEU C 113 33.92 -19.50 23.28
N HIS C 114 34.44 -18.27 23.09
CA HIS C 114 35.31 -17.91 21.96
C HIS C 114 36.61 -18.70 21.89
N ASP C 115 37.44 -18.61 22.95
CA ASP C 115 38.77 -19.20 23.03
C ASP C 115 38.89 -20.69 22.73
N ASN C 116 39.83 -21.05 21.83
CA ASN C 116 40.20 -22.40 21.38
C ASN C 116 39.10 -23.22 20.67
N ASN C 117 37.97 -22.58 20.32
CA ASN C 117 36.84 -23.24 19.66
C ASN C 117 36.85 -23.18 18.13
N ARG C 118 37.76 -22.41 17.52
CA ARG C 118 37.88 -22.25 16.06
C ARG C 118 38.63 -23.41 15.37
N LEU C 119 38.25 -23.71 14.11
CA LEU C 119 38.88 -24.73 13.27
C LEU C 119 39.72 -24.05 12.18
N THR C 120 40.75 -24.75 11.66
CA THR C 120 41.61 -24.25 10.59
C THR C 120 40.86 -24.22 9.25
N GLU C 121 40.00 -25.24 9.03
CA GLU C 121 39.16 -25.39 7.84
C GLU C 121 37.71 -25.66 8.28
N GLU C 122 36.75 -24.96 7.64
CA GLU C 122 35.31 -25.06 7.94
C GLU C 122 34.76 -26.46 7.70
N LYS C 123 34.09 -27.03 8.73
CA LYS C 123 33.47 -28.35 8.67
C LYS C 123 32.11 -28.29 7.96
N LYS C 124 31.98 -29.01 6.83
CA LYS C 124 30.76 -29.11 6.04
C LYS C 124 29.99 -30.31 6.58
N VAL C 125 28.83 -30.07 7.21
CA VAL C 125 28.01 -31.12 7.82
C VAL C 125 27.19 -31.84 6.75
N PRO C 126 27.43 -33.17 6.53
CA PRO C 126 26.63 -33.88 5.50
C PRO C 126 25.17 -34.07 5.90
N ILE C 127 24.26 -33.88 4.91
CA ILE C 127 22.82 -33.99 5.09
C ILE C 127 22.25 -35.20 4.35
N ASN C 128 21.52 -36.07 5.08
CA ASN C 128 20.86 -37.25 4.54
C ASN C 128 19.37 -36.98 4.55
N LEU C 129 18.78 -36.78 3.35
CA LEU C 129 17.35 -36.44 3.19
C LEU C 129 16.48 -37.60 2.73
N TRP C 130 15.25 -37.65 3.26
CA TRP C 130 14.25 -38.65 2.93
C TRP C 130 12.87 -38.02 2.76
N ILE C 131 12.36 -37.99 1.51
CA ILE C 131 11.04 -37.46 1.17
C ILE C 131 10.15 -38.69 0.95
N ASP C 132 9.25 -38.97 1.91
CA ASP C 132 8.33 -40.12 1.91
C ASP C 132 9.06 -41.49 1.74
N GLY C 133 10.29 -41.56 2.26
CA GLY C 133 11.15 -42.74 2.20
C GLY C 133 12.21 -42.70 1.12
N LYS C 134 12.05 -41.81 0.12
CA LYS C 134 12.98 -41.68 -1.00
C LYS C 134 14.20 -40.81 -0.67
N GLN C 135 15.41 -41.37 -0.86
CA GLN C 135 16.68 -40.67 -0.62
C GLN C 135 16.95 -39.64 -1.70
N THR C 136 17.41 -38.43 -1.30
CA THR C 136 17.74 -37.33 -2.20
C THR C 136 19.01 -36.61 -1.77
N THR C 137 19.93 -36.39 -2.74
CA THR C 137 21.22 -35.74 -2.51
C THR C 137 21.09 -34.25 -2.19
N VAL C 138 21.80 -33.82 -1.13
CA VAL C 138 21.82 -32.43 -0.64
C VAL C 138 23.22 -31.87 -0.92
N PRO C 139 23.36 -30.66 -1.54
CA PRO C 139 24.70 -30.10 -1.74
C PRO C 139 25.45 -29.94 -0.41
N ILE C 140 26.70 -30.41 -0.35
CA ILE C 140 27.53 -30.41 0.87
C ILE C 140 27.75 -29.06 1.56
N ASP C 141 27.74 -27.95 0.78
CA ASP C 141 27.94 -26.59 1.28
C ASP C 141 26.72 -25.97 2.00
N LYS C 142 25.60 -26.72 2.14
CA LYS C 142 24.38 -26.21 2.78
C LYS C 142 24.53 -25.94 4.27
N VAL C 143 25.03 -26.93 5.05
CA VAL C 143 25.24 -26.77 6.49
C VAL C 143 26.75 -26.79 6.79
N LYS C 144 27.31 -25.63 7.17
CA LYS C 144 28.73 -25.50 7.49
C LYS C 144 29.03 -24.69 8.75
N THR C 145 30.07 -25.09 9.48
CA THR C 145 30.51 -24.47 10.73
C THR C 145 32.03 -24.30 10.81
N SER C 146 32.49 -23.29 11.55
CA SER C 146 33.90 -22.98 11.79
C SER C 146 34.28 -23.27 13.25
N LYS C 147 33.34 -23.86 14.02
CA LYS C 147 33.49 -24.18 15.43
C LYS C 147 33.70 -25.66 15.70
N LYS C 148 34.48 -25.99 16.76
CA LYS C 148 34.73 -27.37 17.18
C LYS C 148 33.48 -27.84 17.97
N GLU C 149 32.99 -26.98 18.88
CA GLU C 149 31.77 -27.17 19.67
C GLU C 149 30.76 -26.16 19.14
N VAL C 150 29.68 -26.65 18.52
CA VAL C 150 28.64 -25.85 17.84
C VAL C 150 27.30 -25.98 18.55
N THR C 151 26.52 -24.89 18.60
CA THR C 151 25.16 -24.93 19.14
C THR C 151 24.28 -25.64 18.09
N VAL C 152 23.22 -26.33 18.55
CA VAL C 152 22.27 -27.03 17.68
C VAL C 152 21.54 -25.96 16.83
N GLN C 153 21.27 -24.77 17.42
CA GLN C 153 20.63 -23.61 16.78
C GLN C 153 21.35 -23.18 15.50
N GLU C 154 22.69 -23.07 15.55
CA GLU C 154 23.53 -22.70 14.41
C GLU C 154 23.31 -23.64 13.21
N LEU C 155 23.24 -24.95 13.49
CA LEU C 155 23.04 -26.00 12.49
C LEU C 155 21.60 -26.04 11.97
N ASP C 156 20.60 -26.00 12.88
CA ASP C 156 19.17 -26.04 12.58
C ASP C 156 18.71 -24.88 11.67
N LEU C 157 19.21 -23.65 11.93
CA LEU C 157 18.90 -22.45 11.15
C LEU C 157 19.33 -22.57 9.70
N GLN C 158 20.52 -23.16 9.48
CA GLN C 158 21.11 -23.39 8.15
C GLN C 158 20.37 -24.51 7.41
N ALA C 159 19.99 -25.59 8.14
CA ALA C 159 19.27 -26.73 7.59
C ALA C 159 17.84 -26.36 7.17
N ARG C 160 17.10 -25.61 8.02
CA ARG C 160 15.73 -25.17 7.75
C ARG C 160 15.66 -24.08 6.68
N HIS C 161 16.77 -23.35 6.44
CA HIS C 161 16.87 -22.32 5.40
C HIS C 161 16.89 -23.01 4.03
N TYR C 162 17.66 -24.12 3.92
CA TYR C 162 17.74 -24.91 2.69
C TYR C 162 16.39 -25.57 2.39
N LEU C 163 15.74 -26.16 3.43
CA LEU C 163 14.44 -26.81 3.31
C LEU C 163 13.34 -25.90 2.79
N HIS C 164 13.32 -24.62 3.24
CA HIS C 164 12.31 -23.68 2.79
C HIS C 164 12.55 -23.15 1.38
N GLY C 165 13.82 -22.93 1.02
CA GLY C 165 14.19 -22.42 -0.29
C GLY C 165 13.99 -23.45 -1.40
N LYS C 166 14.14 -24.74 -1.05
CA LYS C 166 14.01 -25.88 -1.96
C LYS C 166 12.60 -26.48 -2.00
N PHE C 167 11.99 -26.73 -0.82
CA PHE C 167 10.68 -27.38 -0.75
C PHE C 167 9.50 -26.52 -0.33
N GLY C 168 9.76 -25.30 0.13
CA GLY C 168 8.72 -24.40 0.62
C GLY C 168 8.15 -24.90 1.93
N LEU C 169 9.02 -25.47 2.79
CA LEU C 169 8.70 -26.05 4.10
C LEU C 169 7.67 -25.23 4.91
N TYR C 170 7.89 -23.92 5.01
CA TYR C 170 7.00 -23.03 5.77
C TYR C 170 6.12 -22.12 4.90
N ASN C 171 5.86 -22.56 3.66
CA ASN C 171 4.95 -21.87 2.74
C ASN C 171 3.60 -22.54 2.90
N SER C 172 2.51 -21.80 2.65
CA SER C 172 1.16 -22.38 2.73
C SER C 172 0.97 -23.45 1.64
N ASP C 173 -0.05 -24.31 1.80
CA ASP C 173 -0.37 -25.36 0.82
C ASP C 173 -0.67 -24.75 -0.55
N SER C 174 -1.38 -23.58 -0.59
CA SER C 174 -1.69 -22.86 -1.83
C SER C 174 -0.44 -22.26 -2.48
N PHE C 175 0.57 -21.92 -1.65
CA PHE C 175 1.85 -21.37 -2.11
C PHE C 175 2.93 -22.41 -2.44
N GLY C 176 2.53 -23.68 -2.57
CA GLY C 176 3.41 -24.78 -2.97
C GLY C 176 4.06 -25.62 -1.89
N GLY C 177 3.71 -25.39 -0.63
CA GLY C 177 4.26 -26.14 0.50
C GLY C 177 3.58 -27.49 0.64
N LYS C 178 4.25 -28.56 0.17
CA LYS C 178 3.72 -29.93 0.17
C LYS C 178 4.06 -30.74 1.42
N VAL C 179 5.16 -30.41 2.13
CA VAL C 179 5.60 -31.12 3.33
C VAL C 179 4.63 -30.82 4.49
N GLN C 180 4.04 -31.89 5.06
CA GLN C 180 3.07 -31.84 6.15
C GLN C 180 3.67 -32.20 7.50
N ARG C 181 4.69 -33.09 7.49
CA ARG C 181 5.39 -33.58 8.68
C ARG C 181 6.90 -33.67 8.42
N GLY C 182 7.70 -33.32 9.43
CA GLY C 182 9.16 -33.33 9.33
C GLY C 182 9.89 -33.58 10.63
N LEU C 183 11.11 -34.15 10.52
CA LEU C 183 11.99 -34.47 11.64
C LEU C 183 13.44 -34.16 11.27
N ILE C 184 14.10 -33.32 12.08
CA ILE C 184 15.52 -32.97 11.93
C ILE C 184 16.28 -33.73 13.03
N VAL C 185 17.32 -34.49 12.64
CA VAL C 185 18.12 -35.30 13.57
C VAL C 185 19.60 -34.93 13.46
N PHE C 186 20.20 -34.54 14.58
CA PHE C 186 21.61 -34.19 14.68
C PHE C 186 22.31 -35.38 15.32
N HIS C 187 22.92 -36.23 14.48
CA HIS C 187 23.59 -37.47 14.87
C HIS C 187 25.08 -37.28 15.18
N SER C 188 25.45 -37.46 16.47
CA SER C 188 26.83 -37.35 16.95
C SER C 188 27.58 -38.67 16.80
N SER C 189 28.91 -38.59 16.52
CA SER C 189 29.81 -39.73 16.32
C SER C 189 29.74 -40.81 17.40
N GLU C 190 29.58 -40.41 18.68
CA GLU C 190 29.47 -41.30 19.84
C GLU C 190 28.11 -42.06 19.89
N GLY C 191 27.23 -41.77 18.92
CA GLY C 191 25.91 -42.38 18.81
C GLY C 191 24.83 -41.60 19.53
N SER C 192 25.06 -40.28 19.74
CA SER C 192 24.12 -39.39 20.43
C SER C 192 23.15 -38.72 19.47
N THR C 193 21.91 -38.47 19.95
CA THR C 193 20.84 -37.89 19.15
C THR C 193 20.19 -36.65 19.75
N VAL C 194 20.00 -35.63 18.89
CA VAL C 194 19.28 -34.39 19.18
C VAL C 194 18.26 -34.30 18.03
N SER C 195 16.97 -34.44 18.34
CA SER C 195 15.93 -34.42 17.32
C SER C 195 14.77 -33.49 17.57
N TYR C 196 14.52 -32.58 16.62
CA TYR C 196 13.42 -31.61 16.69
C TYR C 196 12.35 -31.88 15.63
N ASP C 197 11.09 -31.84 16.07
CA ASP C 197 9.93 -31.99 15.18
C ASP C 197 9.74 -30.63 14.49
N LEU C 198 9.84 -30.65 13.14
CA LEU C 198 9.74 -29.48 12.25
C LEU C 198 8.41 -28.71 12.32
N PHE C 199 7.34 -29.34 12.86
CA PHE C 199 6.02 -28.73 12.98
C PHE C 199 5.46 -28.67 14.42
N ASP C 200 6.30 -28.99 15.43
CA ASP C 200 5.92 -28.93 16.85
C ASP C 200 6.25 -27.53 17.39
N ALA C 201 5.58 -26.53 16.81
CA ALA C 201 5.75 -25.11 17.11
C ALA C 201 5.02 -24.70 18.38
N GLN C 202 5.75 -24.06 19.30
CA GLN C 202 5.18 -23.57 20.56
C GLN C 202 4.70 -22.14 20.36
N GLY C 203 3.39 -21.97 20.36
CA GLY C 203 2.75 -20.68 20.13
C GLY C 203 2.77 -20.28 18.67
N GLN C 204 2.66 -18.97 18.41
CA GLN C 204 2.65 -18.44 17.04
C GLN C 204 3.68 -17.34 16.78
N TYR C 205 4.30 -16.77 17.84
CA TYR C 205 5.26 -15.69 17.72
C TYR C 205 6.69 -16.11 18.13
N PRO C 206 7.76 -15.46 17.58
CA PRO C 206 9.15 -15.86 17.92
C PRO C 206 9.54 -15.97 19.39
N ASP C 207 8.88 -15.19 20.30
CA ASP C 207 9.13 -15.23 21.74
C ASP C 207 8.86 -16.62 22.35
N THR C 208 7.95 -17.40 21.72
CA THR C 208 7.58 -18.76 22.14
C THR C 208 8.13 -19.83 21.16
N LEU C 209 8.22 -19.50 19.85
CA LEU C 209 8.69 -20.42 18.81
C LEU C 209 10.19 -20.71 18.92
N LEU C 210 10.98 -19.69 19.30
CA LEU C 210 12.43 -19.80 19.44
C LEU C 210 12.89 -20.30 20.81
N ARG C 211 11.93 -20.50 21.74
CA ARG C 211 12.16 -20.97 23.11
C ARG C 211 12.87 -22.35 23.21
N ILE C 212 12.87 -23.13 22.11
CA ILE C 212 13.54 -24.45 22.01
C ILE C 212 15.07 -24.33 22.10
N TYR C 213 15.63 -23.16 21.75
CA TYR C 213 17.06 -22.89 21.76
C TYR C 213 17.62 -22.37 23.09
N ARG C 214 16.73 -22.08 24.06
CA ARG C 214 17.06 -21.57 25.40
C ARG C 214 18.07 -22.45 26.16
N ASP C 215 17.94 -23.79 26.04
CA ASP C 215 18.81 -24.78 26.70
C ASP C 215 20.28 -24.67 26.26
N ASN C 216 20.53 -23.98 25.11
CA ASN C 216 21.85 -23.70 24.52
C ASN C 216 22.64 -24.99 24.23
N LYS C 217 21.93 -26.06 23.78
CA LYS C 217 22.51 -27.37 23.46
C LYS C 217 23.64 -27.24 22.46
N THR C 218 24.83 -27.69 22.88
CA THR C 218 26.06 -27.65 22.09
C THR C 218 26.53 -29.07 21.78
N ILE C 219 26.95 -29.30 20.52
CA ILE C 219 27.43 -30.60 20.05
C ILE C 219 28.74 -30.48 19.26
N ASN C 220 29.48 -31.60 19.13
CA ASN C 220 30.75 -31.66 18.41
C ASN C 220 30.54 -31.70 16.91
N SER C 221 31.32 -30.89 16.18
CA SER C 221 31.26 -30.80 14.71
C SER C 221 32.03 -31.93 14.02
N GLU C 222 33.10 -32.46 14.67
CA GLU C 222 33.95 -33.53 14.15
C GLU C 222 33.17 -34.84 13.94
N ASN C 223 33.06 -35.26 12.67
CA ASN C 223 32.35 -36.46 12.20
C ASN C 223 30.86 -36.49 12.61
N LEU C 224 30.20 -35.33 12.44
CA LEU C 224 28.79 -35.11 12.74
C LEU C 224 28.01 -35.04 11.43
N HIS C 225 26.84 -35.68 11.38
CA HIS C 225 25.97 -35.66 10.20
C HIS C 225 24.52 -35.35 10.58
N ILE C 226 23.75 -34.84 9.62
CA ILE C 226 22.35 -34.47 9.80
C ILE C 226 21.43 -35.44 9.04
N ASP C 227 20.40 -35.96 9.73
CA ASP C 227 19.40 -36.87 9.18
C ASP C 227 18.05 -36.14 9.13
N LEU C 228 17.46 -36.05 7.92
CA LEU C 228 16.19 -35.37 7.71
C LEU C 228 15.12 -36.27 7.10
N TYR C 229 13.94 -36.29 7.73
CA TYR C 229 12.80 -37.11 7.29
C TYR C 229 11.57 -36.23 7.03
N LEU C 230 11.30 -35.97 5.75
CA LEU C 230 10.16 -35.15 5.32
C LEU C 230 9.03 -36.00 4.74
N TYR C 231 7.78 -35.63 5.06
CA TYR C 231 6.59 -36.36 4.62
C TYR C 231 5.51 -35.44 4.07
N THR C 232 4.92 -35.79 2.90
CA THR C 232 3.85 -35.03 2.25
C THR C 232 2.46 -35.54 2.71
N THR C 233 2.46 -36.45 3.72
CA THR C 233 1.30 -37.07 4.34
C THR C 233 1.45 -37.04 5.86
ZN ZN D . 22.31 -40.82 11.25
#